data_5L4N
#
_entry.id   5L4N
#
_cell.length_a   94.699
_cell.length_b   104.250
_cell.length_c   137.040
_cell.angle_alpha   90.00
_cell.angle_beta   90.00
_cell.angle_gamma   90.00
#
_symmetry.space_group_name_H-M   'P 21 21 21'
#
loop_
_entity.id
_entity.type
_entity.pdbx_description
1 polymer 'Pteridine reductase 1'
2 non-polymer (2~{R})-2-(3-hydroxyphenyl)-6-oxidanyl-2,3-dihydrochromen-4-one
3 non-polymer 'NADPH DIHYDRO-NICOTINAMIDE-ADENINE-DINUCLEOTIDE PHOSPHATE'
4 non-polymer GLYCEROL
5 non-polymer 'ACETATE ION'
6 non-polymer DI(HYDROXYETHYL)ETHER
7 non-polymer 'TRIETHYLENE GLYCOL'
8 non-polymer 1,2-ETHANEDIOL
9 water water
#
_entity_poly.entity_id   1
_entity_poly.type   'polypeptide(L)'
_entity_poly.pdbx_seq_one_letter_code
;MTAPTVPVALVTGAAKRLGRSIAEGLHAEGYAVCLHYHRSAAEANALSATLNARRPNSAITVQADLSNVATAPVSGADGS
APVTLFTRCAELVAACYTHWGRCDVLVNNASSFYPTPLLRNDEDGHEPCVGDREAMETATADLFGSNAIAPYFLIKAFAH
RVAGTPAKHRGTNYSIINMVDAMTNQPLLGYTIYTMAKGALEGLTRSAALELAPLQIRVNGVGPGLSVLVDDMPPAVWEG
HRSKVPLYQRDSSAAEVSDVVIFLCSSKAKYITGT(CSX)VKVDGGYSLTRA
;
_entity_poly.pdbx_strand_id   A,B,C,D
#
# COMPACT_ATOMS: atom_id res chain seq x y z
N THR A 5 4.17 -37.36 15.84
CA THR A 5 4.14 -37.59 14.35
C THR A 5 4.86 -36.43 13.61
N VAL A 6 5.47 -36.75 12.46
CA VAL A 6 6.43 -35.88 11.81
C VAL A 6 5.79 -35.08 10.64
N PRO A 7 5.76 -33.73 10.75
CA PRO A 7 5.13 -33.02 9.62
C PRO A 7 6.09 -32.93 8.41
N VAL A 8 5.51 -32.69 7.25
CA VAL A 8 6.26 -32.63 6.01
C VAL A 8 6.25 -31.23 5.35
N ALA A 9 7.42 -30.82 4.85
CA ALA A 9 7.56 -29.54 4.14
C ALA A 9 8.03 -29.80 2.73
N LEU A 10 7.39 -29.12 1.75
CA LEU A 10 7.85 -29.15 0.38
C LEU A 10 8.44 -27.77 0.07
N VAL A 11 9.70 -27.77 -0.32
CA VAL A 11 10.45 -26.57 -0.62
C VAL A 11 10.92 -26.61 -2.10
N THR A 12 10.36 -25.73 -2.94
CA THR A 12 10.80 -25.57 -4.34
C THR A 12 12.14 -24.83 -4.45
N GLY A 13 12.99 -25.20 -5.41
CA GLY A 13 14.30 -24.59 -5.53
C GLY A 13 15.11 -24.69 -4.24
N ALA A 14 15.12 -25.90 -3.68
CA ALA A 14 15.71 -26.18 -2.36
C ALA A 14 17.20 -26.46 -2.36
N ALA A 15 17.87 -26.44 -3.51
CA ALA A 15 19.24 -26.97 -3.57
C ALA A 15 20.26 -26.05 -2.94
N LYS A 16 20.06 -24.76 -3.12
CA LYS A 16 21.07 -23.79 -2.69
C LYS A 16 20.40 -22.55 -2.08
N ARG A 17 21.27 -21.72 -1.50
CA ARG A 17 20.98 -20.33 -1.12
C ARG A 17 19.78 -20.24 -0.17
N LEU A 18 18.72 -19.47 -0.48
CA LEU A 18 17.60 -19.34 0.49
CA LEU A 18 17.56 -19.34 0.46
C LEU A 18 16.83 -20.66 0.60
N GLY A 19 16.61 -21.35 -0.52
CA GLY A 19 15.84 -22.61 -0.55
C GLY A 19 16.49 -23.61 0.41
N ARG A 20 17.80 -23.77 0.25
CA ARG A 20 18.57 -24.62 1.15
C ARG A 20 18.44 -24.27 2.67
N SER A 21 18.54 -22.97 2.95
CA SER A 21 18.51 -22.45 4.28
C SER A 21 17.13 -22.63 4.92
N ILE A 22 16.09 -22.51 4.09
CA ILE A 22 14.70 -22.72 4.52
C ILE A 22 14.48 -24.22 4.79
N ALA A 23 14.96 -25.06 3.88
CA ALA A 23 14.88 -26.50 4.01
C ALA A 23 15.59 -27.00 5.32
N GLU A 24 16.82 -26.50 5.56
CA GLU A 24 17.56 -26.76 6.84
C GLU A 24 16.82 -26.32 8.10
N GLY A 25 16.20 -25.13 8.03
CA GLY A 25 15.54 -24.53 9.17
C GLY A 25 14.31 -25.31 9.51
N LEU A 26 13.55 -25.67 8.45
CA LEU A 26 12.38 -26.52 8.63
C LEU A 26 12.77 -27.87 9.27
N HIS A 27 13.84 -28.46 8.71
CA HIS A 27 14.38 -29.73 9.16
C HIS A 27 14.85 -29.63 10.62
N ALA A 28 15.49 -28.50 10.96
CA ALA A 28 15.96 -28.28 12.32
C ALA A 28 14.79 -28.32 13.30
N GLU A 29 13.60 -27.88 12.87
CA GLU A 29 12.35 -27.86 13.68
C GLU A 29 11.69 -29.21 13.72
N GLY A 30 12.35 -30.19 13.10
CA GLY A 30 11.79 -31.52 13.02
C GLY A 30 10.97 -31.93 11.80
N TYR A 31 10.83 -31.05 10.79
CA TYR A 31 10.14 -31.41 9.52
C TYR A 31 10.93 -32.44 8.71
N ALA A 32 10.20 -33.36 8.07
CA ALA A 32 10.72 -34.08 6.91
C ALA A 32 10.55 -33.16 5.71
N VAL A 33 11.58 -33.07 4.88
CA VAL A 33 11.59 -32.08 3.84
C VAL A 33 11.70 -32.71 2.46
N CYS A 34 10.79 -32.30 1.58
CA CYS A 34 10.88 -32.65 0.19
C CYS A 34 11.63 -31.54 -0.58
N LEU A 35 12.77 -31.89 -1.16
CA LEU A 35 13.70 -30.90 -1.68
C LEU A 35 13.54 -30.86 -3.17
N HIS A 36 12.79 -29.89 -3.69
CA HIS A 36 12.60 -29.78 -5.15
C HIS A 36 13.83 -29.16 -5.82
N TYR A 37 14.13 -29.54 -7.06
CA TYR A 37 15.23 -28.93 -7.81
C TYR A 37 14.89 -29.01 -9.29
N HIS A 38 15.65 -28.27 -10.06
CA HIS A 38 15.53 -28.29 -11.49
C HIS A 38 16.85 -28.80 -12.03
N ARG A 39 17.88 -27.95 -12.05
CA ARG A 39 19.16 -28.29 -12.67
C ARG A 39 20.19 -28.67 -11.61
N SER A 40 20.03 -28.23 -10.37
CA SER A 40 20.99 -28.54 -9.30
C SER A 40 20.92 -29.98 -8.66
N ALA A 41 20.94 -31.04 -9.47
CA ALA A 41 20.79 -32.43 -8.93
C ALA A 41 21.88 -32.80 -7.89
N ALA A 42 23.14 -32.52 -8.19
CA ALA A 42 24.22 -32.81 -7.23
C ALA A 42 24.00 -32.16 -5.85
N GLU A 43 23.65 -30.87 -5.85
CA GLU A 43 23.52 -30.11 -4.58
C GLU A 43 22.29 -30.54 -3.78
N ALA A 44 21.14 -30.74 -4.47
CA ALA A 44 19.97 -31.35 -3.84
C ALA A 44 20.28 -32.67 -3.20
N ASN A 45 21.01 -33.53 -3.91
CA ASN A 45 21.24 -34.88 -3.37
C ASN A 45 22.19 -34.86 -2.21
N ALA A 46 23.19 -33.98 -2.31
CA ALA A 46 24.19 -33.81 -1.25
C ALA A 46 23.48 -33.28 -0.03
N LEU A 47 22.60 -32.28 -0.22
CA LEU A 47 21.75 -31.83 0.92
C LEU A 47 20.86 -32.93 1.55
N SER A 48 20.12 -33.66 0.72
CA SER A 48 19.35 -34.82 1.17
C SER A 48 20.22 -35.76 2.06
N ALA A 49 21.44 -36.07 1.59
CA ALA A 49 22.28 -37.05 2.30
C ALA A 49 22.59 -36.58 3.73
N THR A 50 22.89 -35.29 3.86
CA THR A 50 23.26 -34.66 5.13
C THR A 50 22.07 -34.78 6.03
N LEU A 51 20.89 -34.39 5.53
CA LEU A 51 19.71 -34.37 6.39
C LEU A 51 19.27 -35.81 6.73
N ASN A 52 19.50 -36.77 5.82
CA ASN A 52 19.16 -38.19 6.09
C ASN A 52 20.14 -38.86 7.08
N ALA A 53 21.42 -38.51 6.96
CA ALA A 53 22.41 -38.87 7.96
C ALA A 53 22.09 -38.28 9.35
N ARG A 54 21.48 -37.09 9.42
CA ARG A 54 21.02 -36.54 10.71
C ARG A 54 19.77 -37.32 11.31
N ARG A 55 18.71 -37.47 10.50
CA ARG A 55 17.57 -38.27 10.83
C ARG A 55 17.21 -39.06 9.59
N PRO A 56 17.25 -40.43 9.63
CA PRO A 56 16.82 -41.29 8.49
C PRO A 56 15.41 -40.97 8.06
N ASN A 57 15.13 -41.10 6.76
CA ASN A 57 13.82 -40.89 6.20
C ASN A 57 13.27 -39.51 6.49
N SER A 58 14.13 -38.49 6.47
CA SER A 58 13.67 -37.14 6.72
C SER A 58 13.86 -36.21 5.50
N ALA A 59 14.48 -36.70 4.42
CA ALA A 59 14.63 -35.89 3.20
C ALA A 59 14.52 -36.71 1.88
N ILE A 60 13.90 -36.14 0.86
CA ILE A 60 13.92 -36.73 -0.48
C ILE A 60 14.15 -35.58 -1.46
N THR A 61 14.45 -35.89 -2.73
CA THR A 61 14.63 -34.89 -3.78
C THR A 61 13.73 -35.24 -4.93
N VAL A 62 13.20 -34.21 -5.58
CA VAL A 62 12.35 -34.38 -6.79
CA VAL A 62 12.32 -34.34 -6.75
C VAL A 62 12.72 -33.31 -7.79
N GLN A 63 12.88 -33.72 -9.03
CA GLN A 63 13.28 -32.84 -10.14
C GLN A 63 11.99 -32.32 -10.80
N ALA A 64 11.93 -31.03 -11.12
CA ALA A 64 10.91 -30.53 -12.05
C ALA A 64 11.28 -29.16 -12.57
N ASP A 65 11.15 -29.02 -13.88
CA ASP A 65 11.15 -27.73 -14.55
C ASP A 65 9.83 -27.02 -14.20
N LEU A 66 9.96 -25.83 -13.62
CA LEU A 66 8.74 -25.13 -13.23
C LEU A 66 8.29 -24.03 -14.24
N SER A 67 8.98 -23.95 -15.40
CA SER A 67 8.58 -23.08 -16.50
CA SER A 67 8.57 -23.09 -16.50
C SER A 67 7.20 -23.49 -16.95
N ASN A 68 6.46 -22.55 -17.52
CA ASN A 68 5.13 -22.81 -18.02
C ASN A 68 5.16 -23.39 -19.43
N VAL A 69 5.65 -24.62 -19.56
CA VAL A 69 5.82 -25.37 -20.82
C VAL A 69 5.44 -26.84 -20.62
N ALA A 70 5.16 -27.54 -21.72
CA ALA A 70 5.07 -29.01 -21.73
C ALA A 70 6.48 -29.64 -21.82
N THR A 71 6.70 -30.75 -21.10
CA THR A 71 7.93 -31.55 -21.22
C THR A 71 7.65 -32.97 -21.77
N ALA A 72 8.73 -33.73 -21.93
CA ALA A 72 8.74 -35.06 -22.58
C ALA A 72 8.10 -36.20 -21.75
N PRO A 73 7.16 -37.01 -22.35
CA PRO A 73 6.61 -38.19 -21.64
C PRO A 73 7.67 -39.27 -21.33
N ALA A 81 1.64 -38.49 -24.90
CA ALA A 81 1.28 -37.08 -24.76
C ALA A 81 2.38 -36.35 -23.97
N PRO A 82 2.54 -35.01 -24.19
CA PRO A 82 3.56 -34.27 -23.39
C PRO A 82 3.10 -34.02 -21.93
N VAL A 83 4.05 -33.79 -21.01
CA VAL A 83 3.69 -33.48 -19.61
C VAL A 83 3.59 -31.97 -19.33
N THR A 84 2.40 -31.53 -18.93
CA THR A 84 2.15 -30.09 -18.65
C THR A 84 2.64 -29.70 -17.25
N LEU A 85 2.85 -28.39 -17.04
CA LEU A 85 3.28 -27.86 -15.74
C LEU A 85 2.33 -28.25 -14.64
N PHE A 86 1.02 -28.28 -14.90
CA PHE A 86 0.06 -28.67 -13.88
C PHE A 86 0.39 -30.08 -13.30
N THR A 87 0.63 -31.02 -14.22
CA THR A 87 0.94 -32.42 -13.87
C THR A 87 2.22 -32.48 -13.05
N ARG A 88 3.27 -31.84 -13.55
CA ARG A 88 4.49 -31.69 -12.77
C ARG A 88 4.29 -31.11 -11.32
N CYS A 89 3.43 -30.11 -11.13
CA CYS A 89 3.20 -29.55 -9.81
C CYS A 89 2.41 -30.51 -8.90
N ALA A 90 1.36 -31.09 -9.47
CA ALA A 90 0.56 -32.09 -8.75
C ALA A 90 1.41 -33.29 -8.29
N GLU A 91 2.28 -33.77 -9.18
CA GLU A 91 3.22 -34.86 -8.88
C GLU A 91 4.23 -34.53 -7.78
N LEU A 92 4.57 -33.24 -7.61
CA LEU A 92 5.49 -32.82 -6.56
C LEU A 92 4.87 -32.97 -5.21
N VAL A 93 3.62 -32.53 -5.11
CA VAL A 93 2.83 -32.74 -3.94
C VAL A 93 2.53 -34.24 -3.78
N ALA A 94 2.19 -34.96 -4.86
CA ALA A 94 1.96 -36.43 -4.71
C ALA A 94 3.18 -37.14 -4.07
N ALA A 95 4.40 -36.77 -4.48
CA ALA A 95 5.66 -37.28 -3.87
C ALA A 95 5.70 -37.17 -2.33
N CYS A 96 5.24 -36.06 -1.76
CA CYS A 96 5.17 -35.97 -0.31
C CYS A 96 4.20 -36.99 0.29
N TYR A 97 3.04 -37.15 -0.35
CA TYR A 97 2.00 -38.05 0.16
C TYR A 97 2.41 -39.53 -0.02
N THR A 98 2.99 -39.86 -1.18
CA THR A 98 3.46 -41.17 -1.50
C THR A 98 4.51 -41.62 -0.52
N HIS A 99 5.47 -40.75 -0.15
CA HIS A 99 6.58 -41.10 0.75
C HIS A 99 6.25 -40.96 2.26
N TRP A 100 5.48 -39.95 2.65
CA TRP A 100 5.25 -39.71 4.05
C TRP A 100 3.80 -39.60 4.44
N GLY A 101 2.90 -39.73 3.49
CA GLY A 101 1.44 -39.65 3.78
C GLY A 101 0.86 -38.28 4.12
N ARG A 102 1.64 -37.21 3.96
CA ARG A 102 1.14 -35.83 4.29
C ARG A 102 2.00 -34.77 3.65
N CYS A 103 1.48 -33.55 3.62
CA CYS A 103 2.24 -32.36 3.22
C CYS A 103 1.62 -31.19 3.97
N ASP A 104 2.39 -30.70 4.95
CA ASP A 104 1.94 -29.71 5.88
C ASP A 104 2.32 -28.25 5.49
N VAL A 105 3.50 -28.08 4.91
CA VAL A 105 4.08 -26.79 4.60
C VAL A 105 4.53 -26.84 3.11
N LEU A 106 4.24 -25.77 2.39
CA LEU A 106 4.72 -25.54 1.03
C LEU A 106 5.40 -24.22 1.05
N VAL A 107 6.63 -24.20 0.53
CA VAL A 107 7.38 -22.99 0.35
C VAL A 107 7.64 -22.78 -1.15
N ASN A 108 6.94 -21.81 -1.75
CA ASN A 108 7.20 -21.45 -3.14
C ASN A 108 8.38 -20.51 -3.15
N ASN A 109 9.54 -21.14 -3.30
CA ASN A 109 10.84 -20.47 -3.28
C ASN A 109 11.51 -20.46 -4.62
N ALA A 110 11.30 -21.46 -5.48
CA ALA A 110 12.01 -21.49 -6.77
C ALA A 110 11.67 -20.25 -7.61
N SER A 111 12.68 -19.69 -8.30
CA SER A 111 12.51 -18.39 -8.97
C SER A 111 13.59 -18.10 -9.95
N SER A 112 13.26 -18.09 -11.25
CA SER A 112 14.18 -17.49 -12.22
C SER A 112 14.11 -15.96 -12.20
N PHE A 113 15.22 -15.33 -12.57
CA PHE A 113 15.40 -13.91 -12.43
C PHE A 113 16.42 -13.47 -13.47
N TYR A 114 16.00 -12.68 -14.47
CA TYR A 114 16.93 -12.12 -15.48
C TYR A 114 16.17 -11.07 -16.30
N PRO A 115 16.90 -10.17 -17.03
CA PRO A 115 16.34 -9.06 -17.79
C PRO A 115 15.30 -9.45 -18.82
N THR A 116 14.21 -8.68 -18.86
CA THR A 116 13.32 -8.67 -20.03
C THR A 116 13.07 -7.19 -20.42
N PRO A 117 14.08 -6.55 -21.06
CA PRO A 117 14.07 -5.09 -21.37
C PRO A 117 12.92 -4.70 -22.29
N LEU A 118 12.37 -3.52 -22.10
CA LEU A 118 11.29 -3.04 -22.96
C LEU A 118 11.90 -2.36 -24.17
N LEU A 119 13.10 -1.83 -23.99
CA LEU A 119 13.82 -1.21 -25.11
C LEU A 119 15.06 -1.98 -25.60
N ARG A 120 15.24 -1.98 -26.93
CA ARG A 120 16.48 -2.39 -27.62
C ARG A 120 17.57 -1.32 -27.43
N ALA A 135 12.56 -16.78 -27.63
CA ALA A 135 13.39 -16.21 -26.56
C ALA A 135 12.59 -15.22 -25.69
N MET A 136 11.75 -14.40 -26.33
CA MET A 136 10.71 -13.65 -25.65
C MET A 136 9.68 -14.63 -25.04
N GLU A 137 9.31 -15.68 -25.80
CA GLU A 137 8.40 -16.78 -25.39
C GLU A 137 8.96 -17.60 -24.22
N THR A 138 10.27 -17.89 -24.28
CA THR A 138 11.01 -18.59 -23.20
C THR A 138 11.03 -17.76 -21.90
N ALA A 139 11.35 -16.46 -21.99
CA ALA A 139 11.39 -15.61 -20.81
C ALA A 139 10.03 -15.62 -20.13
N THR A 140 8.99 -15.45 -20.96
CA THR A 140 7.61 -15.41 -20.51
C THR A 140 7.23 -16.68 -19.75
N ALA A 141 7.45 -17.84 -20.39
CA ALA A 141 7.14 -19.14 -19.80
C ALA A 141 7.98 -19.43 -18.56
N ASP A 142 9.28 -19.15 -18.66
CA ASP A 142 10.23 -19.40 -17.55
C ASP A 142 9.99 -18.52 -16.34
N LEU A 143 9.91 -17.19 -16.54
CA LEU A 143 9.78 -16.27 -15.43
C LEU A 143 8.38 -16.29 -14.83
N PHE A 144 7.35 -16.35 -15.68
CA PHE A 144 6.00 -16.53 -15.14
C PHE A 144 5.68 -17.84 -14.48
N GLY A 145 6.15 -18.96 -15.05
CA GLY A 145 5.89 -20.30 -14.52
C GLY A 145 6.48 -20.47 -13.15
N SER A 146 7.78 -20.28 -13.03
CA SER A 146 8.49 -20.52 -11.80
C SER A 146 7.98 -19.55 -10.71
N ASN A 147 7.80 -18.28 -11.09
CA ASN A 147 7.41 -17.28 -10.13
C ASN A 147 5.93 -17.19 -9.75
N ALA A 148 5.04 -17.72 -10.61
CA ALA A 148 3.61 -17.42 -10.46
C ALA A 148 2.69 -18.60 -10.77
N ILE A 149 2.77 -19.15 -11.98
CA ILE A 149 1.83 -20.22 -12.36
CA ILE A 149 1.87 -20.24 -12.39
C ILE A 149 2.15 -21.54 -11.63
N ALA A 150 3.42 -21.86 -11.46
CA ALA A 150 3.74 -23.12 -10.74
C ALA A 150 3.29 -22.96 -9.29
N PRO A 151 3.62 -21.82 -8.63
CA PRO A 151 3.02 -21.62 -7.28
C PRO A 151 1.50 -21.76 -7.24
N TYR A 152 0.81 -21.31 -8.28
CA TYR A 152 -0.62 -21.48 -8.34
C TYR A 152 -1.02 -22.97 -8.32
N PHE A 153 -0.49 -23.73 -9.27
CA PHE A 153 -0.79 -25.15 -9.41
C PHE A 153 -0.41 -25.94 -8.14
N LEU A 154 0.75 -25.65 -7.57
CA LEU A 154 1.24 -26.25 -6.34
C LEU A 154 0.28 -25.93 -5.19
N ILE A 155 -0.10 -24.66 -5.05
CA ILE A 155 -1.09 -24.36 -4.00
C ILE A 155 -2.38 -25.18 -4.21
N LYS A 156 -2.82 -25.28 -5.47
CA LYS A 156 -4.07 -25.94 -5.81
C LYS A 156 -3.92 -27.42 -5.49
N ALA A 157 -2.78 -28.04 -5.85
CA ALA A 157 -2.57 -29.48 -5.53
C ALA A 157 -2.50 -29.73 -4.03
N PHE A 158 -1.71 -28.90 -3.33
CA PHE A 158 -1.60 -28.99 -1.86
C PHE A 158 -2.99 -28.94 -1.26
N ALA A 159 -3.78 -27.93 -1.65
CA ALA A 159 -5.13 -27.74 -1.10
C ALA A 159 -6.06 -28.90 -1.39
N HIS A 160 -6.10 -29.36 -2.64
CA HIS A 160 -6.92 -30.55 -3.04
CA HIS A 160 -6.88 -30.53 -3.05
C HIS A 160 -6.59 -31.73 -2.10
N ARG A 161 -5.32 -31.99 -1.84
CA ARG A 161 -4.93 -33.06 -0.93
C ARG A 161 -5.59 -32.88 0.43
N VAL A 162 -5.41 -31.69 1.00
CA VAL A 162 -5.97 -31.36 2.31
C VAL A 162 -7.50 -31.56 2.33
N ALA A 163 -8.18 -31.01 1.33
CA ALA A 163 -9.64 -31.19 1.20
C ALA A 163 -10.02 -32.68 1.10
N GLY A 164 -9.21 -33.47 0.42
CA GLY A 164 -9.51 -34.90 0.24
C GLY A 164 -9.11 -35.81 1.41
N THR A 165 -8.29 -35.32 2.33
CA THR A 165 -8.07 -35.91 3.65
C THR A 165 -9.32 -35.72 4.55
N PRO A 166 -9.79 -36.82 5.18
CA PRO A 166 -10.90 -36.67 6.14
C PRO A 166 -10.44 -35.89 7.38
N ALA A 167 -11.34 -35.08 7.93
CA ALA A 167 -11.01 -34.10 8.98
C ALA A 167 -10.20 -34.64 10.18
N LYS A 168 -10.60 -35.80 10.69
CA LYS A 168 -9.94 -36.44 11.85
C LYS A 168 -8.46 -36.74 11.58
N HIS A 169 -8.10 -36.98 10.31
CA HIS A 169 -6.70 -37.34 9.87
C HIS A 169 -5.80 -36.13 9.41
N ARG A 170 -6.37 -34.91 9.35
CA ARG A 170 -5.63 -33.70 8.92
C ARG A 170 -4.61 -33.16 9.93
N GLY A 171 -3.49 -32.64 9.43
CA GLY A 171 -2.58 -31.91 10.27
C GLY A 171 -3.23 -30.72 10.96
N THR A 172 -2.51 -30.21 11.97
CA THR A 172 -3.07 -29.12 12.74
C THR A 172 -2.38 -27.80 12.43
N ASN A 173 -1.46 -27.78 11.47
CA ASN A 173 -0.75 -26.56 11.18
C ASN A 173 -0.27 -26.45 9.71
N TYR A 174 -1.20 -26.16 8.82
CA TYR A 174 -0.92 -26.02 7.38
C TYR A 174 -0.49 -24.60 7.05
N SER A 175 0.61 -24.50 6.32
CA SER A 175 1.22 -23.21 6.07
C SER A 175 1.73 -23.18 4.63
N ILE A 176 1.32 -22.21 3.86
CA ILE A 176 2.00 -21.91 2.58
C ILE A 176 2.77 -20.61 2.66
N ILE A 177 4.06 -20.63 2.29
CA ILE A 177 4.86 -19.40 2.21
C ILE A 177 5.23 -19.17 0.77
N ASN A 178 4.93 -17.97 0.27
CA ASN A 178 5.36 -17.53 -1.08
C ASN A 178 6.53 -16.59 -0.96
N MET A 179 7.65 -16.88 -1.63
CA MET A 179 8.78 -15.93 -1.61
C MET A 179 8.56 -14.85 -2.64
N VAL A 180 8.37 -13.65 -2.14
CA VAL A 180 8.14 -12.54 -3.01
C VAL A 180 9.38 -11.67 -2.89
N ASP A 181 9.25 -10.45 -3.35
CA ASP A 181 10.37 -9.51 -3.36
C ASP A 181 9.98 -8.22 -2.66
N ALA A 182 10.82 -7.81 -1.73
CA ALA A 182 10.57 -6.57 -0.98
C ALA A 182 10.60 -5.28 -1.87
N MET A 183 11.25 -5.35 -3.04
CA MET A 183 11.68 -4.17 -3.83
C MET A 183 10.88 -4.02 -5.11
N THR A 184 9.84 -4.81 -5.29
CA THR A 184 9.14 -4.79 -6.59
C THR A 184 8.26 -3.56 -6.78
N ASN A 185 7.89 -2.85 -5.69
CA ASN A 185 7.26 -1.50 -5.85
C ASN A 185 8.18 -0.39 -6.29
N GLN A 186 9.46 -0.68 -6.31
CA GLN A 186 10.46 0.23 -6.78
C GLN A 186 11.20 -0.63 -7.79
N PRO A 187 10.60 -0.85 -8.98
CA PRO A 187 11.09 -1.90 -9.83
C PRO A 187 12.53 -1.77 -10.31
N LEU A 188 13.19 -2.91 -10.39
CA LEU A 188 14.49 -3.01 -10.99
C LEU A 188 14.35 -2.77 -12.49
N LEU A 189 15.03 -1.76 -12.97
CA LEU A 189 14.98 -1.39 -14.37
C LEU A 189 15.38 -2.53 -15.32
N GLY A 190 14.54 -2.80 -16.32
CA GLY A 190 14.79 -3.87 -17.28
C GLY A 190 14.28 -5.25 -16.92
N TYR A 191 13.56 -5.39 -15.81
CA TYR A 191 13.14 -6.70 -15.29
C TYR A 191 11.64 -6.85 -15.21
N THR A 192 10.96 -6.37 -16.25
CA THR A 192 9.48 -6.30 -16.25
C THR A 192 8.73 -7.63 -15.99
N ILE A 193 9.07 -8.69 -16.75
CA ILE A 193 8.34 -9.95 -16.64
C ILE A 193 8.51 -10.51 -15.23
N TYR A 194 9.74 -10.42 -14.70
CA TYR A 194 10.04 -10.78 -13.35
C TYR A 194 9.15 -10.01 -12.35
N THR A 195 9.11 -8.67 -12.46
CA THR A 195 8.38 -7.85 -11.51
C THR A 195 6.90 -8.14 -11.59
N MET A 196 6.39 -8.34 -12.80
CA MET A 196 5.00 -8.77 -13.01
C MET A 196 4.71 -10.13 -12.37
N ALA A 197 5.66 -11.07 -12.50
CA ALA A 197 5.46 -12.40 -11.95
C ALA A 197 5.36 -12.33 -10.40
N LYS A 198 6.18 -11.49 -9.75
CA LYS A 198 6.16 -11.36 -8.29
C LYS A 198 4.88 -10.67 -7.85
N GLY A 199 4.39 -9.72 -8.64
CA GLY A 199 3.12 -9.08 -8.40
C GLY A 199 1.97 -10.09 -8.49
N ALA A 200 2.04 -10.99 -9.50
CA ALA A 200 1.09 -12.10 -9.58
C ALA A 200 1.13 -13.01 -8.29
N LEU A 201 2.34 -13.23 -7.79
CA LEU A 201 2.53 -14.07 -6.60
C LEU A 201 1.94 -13.40 -5.35
N GLU A 202 2.09 -12.08 -5.26
CA GLU A 202 1.45 -11.28 -4.19
C GLU A 202 -0.07 -11.45 -4.18
N GLY A 203 -0.66 -11.48 -5.37
CA GLY A 203 -2.09 -11.65 -5.55
C GLY A 203 -2.45 -13.06 -5.19
N LEU A 204 -1.58 -14.03 -5.53
CA LEU A 204 -1.81 -15.44 -5.14
C LEU A 204 -1.85 -15.54 -3.62
N THR A 205 -0.90 -14.89 -2.92
CA THR A 205 -0.90 -14.87 -1.44
C THR A 205 -2.27 -14.43 -0.88
N ARG A 206 -2.79 -13.30 -1.36
CA ARG A 206 -4.06 -12.76 -0.87
C ARG A 206 -5.30 -13.59 -1.23
N SER A 207 -5.35 -14.08 -2.46
CA SER A 207 -6.50 -14.85 -2.91
C SER A 207 -6.50 -16.27 -2.27
N ALA A 208 -5.34 -16.92 -2.20
CA ALA A 208 -5.27 -18.24 -1.58
C ALA A 208 -5.53 -18.15 -0.05
N ALA A 209 -4.96 -17.13 0.59
CA ALA A 209 -5.28 -16.99 2.02
C ALA A 209 -6.81 -16.85 2.25
N LEU A 210 -7.51 -16.04 1.49
CA LEU A 210 -8.99 -15.98 1.65
C LEU A 210 -9.67 -17.33 1.34
N GLU A 211 -9.35 -17.95 0.21
CA GLU A 211 -10.06 -19.15 -0.19
C GLU A 211 -9.80 -20.36 0.70
N LEU A 212 -8.58 -20.45 1.23
CA LEU A 212 -8.14 -21.62 1.99
C LEU A 212 -8.31 -21.48 3.49
N ALA A 213 -8.67 -20.28 3.96
CA ALA A 213 -8.96 -20.09 5.39
C ALA A 213 -9.96 -21.12 6.01
N PRO A 214 -11.07 -21.53 5.31
CA PRO A 214 -11.96 -22.59 5.90
C PRO A 214 -11.28 -23.92 6.17
N LEU A 215 -10.28 -24.29 5.38
CA LEU A 215 -9.46 -25.50 5.67
C LEU A 215 -8.29 -25.20 6.61
N GLN A 216 -8.24 -23.98 7.18
CA GLN A 216 -7.15 -23.54 8.09
C GLN A 216 -5.75 -23.68 7.48
N ILE A 217 -5.68 -23.47 6.17
CA ILE A 217 -4.42 -23.37 5.48
C ILE A 217 -4.06 -21.88 5.46
N ARG A 218 -3.02 -21.51 6.20
CA ARG A 218 -2.48 -20.15 6.18
C ARG A 218 -1.61 -19.93 4.96
N VAL A 219 -1.74 -18.76 4.36
CA VAL A 219 -0.89 -18.39 3.22
C VAL A 219 -0.23 -17.03 3.45
N ASN A 220 1.09 -16.98 3.44
CA ASN A 220 1.79 -15.73 3.66
C ASN A 220 2.95 -15.55 2.68
N GLY A 221 3.37 -14.28 2.51
CA GLY A 221 4.60 -13.95 1.81
C GLY A 221 5.80 -13.56 2.69
N VAL A 222 7.00 -13.77 2.15
CA VAL A 222 8.24 -13.25 2.73
C VAL A 222 8.98 -12.57 1.56
N GLY A 223 9.33 -11.29 1.76
CA GLY A 223 9.98 -10.47 0.75
C GLY A 223 11.43 -10.17 1.16
N PRO A 224 12.39 -10.98 0.67
CA PRO A 224 13.80 -10.65 0.84
C PRO A 224 14.09 -9.37 0.03
N GLY A 225 15.09 -8.59 0.44
CA GLY A 225 15.53 -7.38 -0.33
C GLY A 225 16.79 -7.70 -1.15
N LEU A 226 17.95 -7.53 -0.51
CA LEU A 226 19.23 -8.01 -1.02
C LEU A 226 19.67 -9.14 -0.09
N SER A 227 19.80 -10.33 -0.67
CA SER A 227 20.14 -11.54 0.09
CA SER A 227 20.15 -11.56 0.08
C SER A 227 21.20 -12.37 -0.65
N VAL A 228 22.24 -12.74 0.10
CA VAL A 228 23.39 -13.55 -0.38
C VAL A 228 23.75 -13.24 -1.83
N LEU A 229 24.08 -11.98 -2.07
CA LEU A 229 24.65 -11.53 -3.34
C LEU A 229 26.01 -12.20 -3.61
N VAL A 230 26.31 -12.36 -4.90
CA VAL A 230 27.36 -13.29 -5.39
C VAL A 230 28.81 -12.77 -5.27
N GLY A 240 27.09 -3.08 -6.56
CA GLY A 240 27.41 -2.45 -5.28
C GLY A 240 26.22 -1.75 -4.62
N HIS A 241 25.00 -2.28 -4.86
CA HIS A 241 23.75 -1.87 -4.20
C HIS A 241 23.72 -2.07 -2.64
N ARG A 242 24.52 -3.02 -2.14
CA ARG A 242 24.66 -3.37 -0.70
C ARG A 242 24.87 -2.17 0.29
N SER A 243 25.72 -1.23 -0.08
CA SER A 243 26.07 -0.14 0.83
C SER A 243 24.86 0.82 1.06
N LYS A 244 23.79 0.61 0.27
CA LYS A 244 22.56 1.42 0.29
C LYS A 244 21.49 0.92 1.26
N VAL A 245 21.69 -0.27 1.81
CA VAL A 245 20.79 -0.85 2.80
C VAL A 245 20.99 -0.09 4.10
N PRO A 246 19.94 0.63 4.60
CA PRO A 246 20.08 1.45 5.80
C PRO A 246 20.62 0.65 6.97
N LEU A 247 20.09 -0.56 7.17
CA LEU A 247 20.52 -1.38 8.30
C LEU A 247 21.76 -2.25 7.89
N TYR A 248 22.92 -1.91 8.46
CA TYR A 248 24.16 -2.75 8.41
C TYR A 248 24.94 -2.54 7.11
N GLN A 249 24.27 -1.94 6.11
CA GLN A 249 24.85 -1.56 4.81
C GLN A 249 25.42 -2.80 4.13
N ARG A 250 24.70 -3.90 4.32
CA ARG A 250 24.98 -5.20 3.68
C ARG A 250 23.65 -5.88 3.32
N ASP A 251 23.73 -6.81 2.38
CA ASP A 251 22.70 -7.81 2.12
C ASP A 251 22.57 -8.76 3.33
N SER A 252 21.46 -9.48 3.36
CA SER A 252 21.20 -10.39 4.47
C SER A 252 21.95 -11.71 4.33
N SER A 253 22.13 -12.45 5.42
CA SER A 253 22.38 -13.88 5.24
C SER A 253 21.08 -14.62 4.84
N ALA A 254 21.27 -15.86 4.40
CA ALA A 254 20.21 -16.81 4.15
C ALA A 254 19.32 -17.05 5.43
N ALA A 255 19.96 -17.26 6.58
CA ALA A 255 19.23 -17.47 7.85
C ALA A 255 18.37 -16.24 8.22
N GLU A 256 18.93 -15.05 7.98
CA GLU A 256 18.20 -13.85 8.26
C GLU A 256 16.81 -13.84 7.60
N VAL A 257 16.67 -14.51 6.45
CA VAL A 257 15.40 -14.66 5.76
C VAL A 257 14.67 -15.93 6.19
N SER A 258 15.33 -17.08 6.11
CA SER A 258 14.71 -18.34 6.43
C SER A 258 14.20 -18.47 7.86
N ASP A 259 14.84 -17.88 8.86
CA ASP A 259 14.19 -17.80 10.21
C ASP A 259 12.76 -17.21 10.20
N VAL A 260 12.58 -16.20 9.38
CA VAL A 260 11.28 -15.58 9.21
C VAL A 260 10.31 -16.63 8.69
N VAL A 261 10.74 -17.40 7.68
CA VAL A 261 9.89 -18.41 7.04
C VAL A 261 9.51 -19.49 8.05
N ILE A 262 10.49 -19.96 8.81
CA ILE A 262 10.27 -20.92 9.91
C ILE A 262 9.27 -20.39 10.93
N PHE A 263 9.50 -19.15 11.44
CA PHE A 263 8.51 -18.51 12.31
C PHE A 263 7.07 -18.52 11.74
N LEU A 264 6.90 -18.17 10.47
CA LEU A 264 5.57 -18.10 9.90
C LEU A 264 4.92 -19.48 9.79
N CYS A 265 5.72 -20.52 9.63
CA CYS A 265 5.18 -21.89 9.66
C CYS A 265 4.91 -22.43 11.07
N SER A 266 5.38 -21.77 12.11
CA SER A 266 5.26 -22.30 13.48
C SER A 266 3.83 -22.11 14.03
N SER A 267 3.48 -22.88 15.04
CA SER A 267 2.18 -22.74 15.67
C SER A 267 1.99 -21.40 16.43
N LYS A 268 3.10 -20.74 16.73
CA LYS A 268 3.02 -19.37 17.21
C LYS A 268 2.47 -18.34 16.20
N ALA A 269 2.54 -18.64 14.89
CA ALA A 269 2.04 -17.74 13.81
C ALA A 269 0.64 -18.10 13.27
N LYS A 270 -0.14 -18.87 14.05
CA LYS A 270 -1.40 -19.47 13.58
CA LYS A 270 -1.40 -19.47 13.58
C LYS A 270 -2.53 -18.45 13.27
N TYR A 271 -2.37 -17.19 13.73
CA TYR A 271 -3.36 -16.18 13.38
C TYR A 271 -2.91 -15.33 12.15
N ILE A 272 -1.71 -15.57 11.62
CA ILE A 272 -1.23 -14.82 10.51
C ILE A 272 -1.59 -15.51 9.21
N THR A 273 -2.36 -14.80 8.39
CA THR A 273 -2.59 -15.22 7.04
C THR A 273 -2.85 -14.00 6.14
N GLY A 274 -2.45 -14.15 4.88
CA GLY A 274 -2.63 -13.15 3.86
C GLY A 274 -1.74 -11.92 3.98
N THR A 275 -0.67 -12.03 4.75
CA THR A 275 0.24 -10.92 4.98
C THR A 275 1.60 -11.26 4.33
N VAL A 277 5.76 -10.38 4.83
CA VAL A 277 6.77 -9.81 5.73
C VAL A 277 8.03 -9.50 4.92
N LYS A 278 8.39 -8.21 4.88
CA LYS A 278 9.63 -7.72 4.25
C LYS A 278 10.81 -8.03 5.17
N VAL A 279 11.87 -8.59 4.57
CA VAL A 279 13.15 -8.80 5.26
C VAL A 279 14.20 -8.12 4.40
N ASP A 280 14.32 -6.82 4.57
CA ASP A 280 15.10 -6.04 3.62
C ASP A 280 16.00 -5.01 4.27
N GLY A 281 16.14 -5.06 5.61
CA GLY A 281 16.99 -4.10 6.29
C GLY A 281 16.56 -2.64 6.04
N GLY A 282 15.28 -2.38 5.72
CA GLY A 282 14.81 -1.00 5.38
C GLY A 282 15.08 -0.47 3.98
N TYR A 283 15.59 -1.35 3.11
CA TYR A 283 15.90 -0.94 1.72
C TYR A 283 14.69 -0.35 0.97
N SER A 284 13.51 -0.96 1.13
CA SER A 284 12.31 -0.41 0.53
C SER A 284 11.94 0.99 1.06
N LEU A 285 12.52 1.42 2.18
CA LEU A 285 12.37 2.82 2.64
C LEU A 285 13.14 3.89 1.87
N THR A 286 14.05 3.50 1.00
CA THR A 286 14.94 4.46 0.39
C THR A 286 14.33 5.08 -0.88
N ARG A 287 14.97 6.13 -1.40
CA ARG A 287 14.53 6.80 -2.62
C ARG A 287 15.75 7.39 -3.32
N ALA A 288 15.76 7.40 -4.66
CA ALA A 288 16.95 7.96 -5.34
C ALA A 288 17.37 9.36 -4.79
N THR B 5 -0.69 16.48 -36.00
CA THR B 5 -2.01 16.38 -36.70
C THR B 5 -3.00 15.75 -35.69
N VAL B 6 -3.50 14.57 -36.02
CA VAL B 6 -4.55 13.94 -35.24
C VAL B 6 -3.91 12.79 -34.41
N PRO B 7 -4.02 12.83 -33.07
CA PRO B 7 -3.39 11.73 -32.33
C PRO B 7 -4.24 10.45 -32.40
N VAL B 8 -3.57 9.31 -32.25
CA VAL B 8 -4.21 8.00 -32.33
C VAL B 8 -4.22 7.27 -30.96
N ALA B 9 -5.36 6.65 -30.66
CA ALA B 9 -5.53 5.75 -29.50
C ALA B 9 -5.79 4.31 -30.01
N LEU B 10 -5.02 3.35 -29.46
CA LEU B 10 -5.37 1.94 -29.49
C LEU B 10 -6.07 1.53 -28.18
N VAL B 11 -7.32 1.11 -28.29
CA VAL B 11 -8.11 0.63 -27.15
C VAL B 11 -8.44 -0.86 -27.36
N THR B 12 -7.92 -1.73 -26.49
CA THR B 12 -8.26 -3.16 -26.57
C THR B 12 -9.62 -3.42 -25.92
N GLY B 13 -10.33 -4.46 -26.36
CA GLY B 13 -11.71 -4.75 -25.92
C GLY B 13 -12.65 -3.57 -26.02
N ALA B 14 -12.61 -2.91 -27.17
CA ALA B 14 -13.23 -1.61 -27.35
C ALA B 14 -14.71 -1.69 -27.64
N ALA B 15 -15.22 -2.89 -27.92
CA ALA B 15 -16.51 -3.01 -28.61
C ALA B 15 -17.69 -2.62 -27.76
N LYS B 16 -17.57 -2.90 -26.45
CA LYS B 16 -18.66 -2.82 -25.46
CA LYS B 16 -18.67 -2.73 -25.50
C LYS B 16 -18.21 -2.08 -24.17
N ARG B 17 -19.20 -1.65 -23.37
CA ARG B 17 -19.06 -1.33 -21.95
C ARG B 17 -17.99 -0.29 -21.68
N LEU B 18 -17.00 -0.55 -20.82
CA LEU B 18 -15.96 0.49 -20.57
C LEU B 18 -15.09 0.79 -21.76
N GLY B 19 -14.65 -0.24 -22.46
CA GLY B 19 -13.80 -0.01 -23.61
C GLY B 19 -14.44 0.89 -24.65
N ARG B 20 -15.73 0.66 -24.94
CA ARG B 20 -16.49 1.53 -25.84
C ARG B 20 -16.58 2.98 -25.29
N SER B 21 -16.77 3.10 -23.97
CA SER B 21 -16.86 4.42 -23.36
C SER B 21 -15.52 5.15 -23.45
N ILE B 22 -14.44 4.41 -23.24
CA ILE B 22 -13.11 4.98 -23.35
C ILE B 22 -12.83 5.44 -24.80
N ALA B 23 -13.12 4.56 -25.77
CA ALA B 23 -12.95 4.89 -27.18
C ALA B 23 -13.79 6.14 -27.56
N GLU B 24 -15.04 6.24 -27.07
CA GLU B 24 -15.89 7.42 -27.27
C GLU B 24 -15.32 8.68 -26.61
N GLY B 25 -14.81 8.50 -25.36
CA GLY B 25 -14.22 9.63 -24.64
C GLY B 25 -13.03 10.21 -25.42
N LEU B 26 -12.16 9.31 -25.88
CA LEU B 26 -10.95 9.69 -26.53
C LEU B 26 -11.25 10.38 -27.89
N HIS B 27 -12.22 9.79 -28.59
CA HIS B 27 -12.67 10.29 -29.88
C HIS B 27 -13.24 11.74 -29.77
N ALA B 28 -14.00 12.00 -28.68
CA ALA B 28 -14.53 13.32 -28.36
C ALA B 28 -13.40 14.34 -28.12
N GLU B 29 -12.24 13.87 -27.67
CA GLU B 29 -11.08 14.76 -27.54
C GLU B 29 -10.36 14.96 -28.83
N GLY B 30 -10.78 14.29 -29.88
CA GLY B 30 -10.09 14.42 -31.15
C GLY B 30 -9.15 13.31 -31.59
N TYR B 31 -9.03 12.24 -30.80
CA TYR B 31 -8.30 11.05 -31.24
C TYR B 31 -8.95 10.28 -32.40
N ALA B 32 -8.10 9.80 -33.32
CA ALA B 32 -8.51 8.65 -34.16
C ALA B 32 -8.42 7.38 -33.25
N VAL B 33 -9.36 6.45 -33.31
CA VAL B 33 -9.33 5.31 -32.42
CA VAL B 33 -9.32 5.31 -32.41
C VAL B 33 -9.29 4.00 -33.18
N CYS B 34 -8.27 3.18 -32.89
CA CYS B 34 -8.23 1.82 -33.37
C CYS B 34 -8.96 0.93 -32.36
N LEU B 35 -10.08 0.32 -32.77
CA LEU B 35 -11.01 -0.45 -31.88
C LEU B 35 -10.74 -1.93 -31.96
N HIS B 36 -10.00 -2.43 -30.95
CA HIS B 36 -9.65 -3.84 -30.92
C HIS B 36 -10.87 -4.56 -30.45
N TYR B 37 -11.11 -5.72 -31.06
CA TYR B 37 -12.13 -6.65 -30.55
C TYR B 37 -11.64 -8.11 -30.71
N HIS B 38 -12.30 -9.02 -30.02
CA HIS B 38 -12.04 -10.43 -30.13
C HIS B 38 -13.24 -11.16 -30.75
N ARG B 39 -14.35 -11.25 -30.04
CA ARG B 39 -15.59 -11.89 -30.48
CA ARG B 39 -15.59 -11.89 -30.48
C ARG B 39 -16.67 -10.88 -30.90
N SER B 40 -16.57 -9.63 -30.45
CA SER B 40 -17.61 -8.63 -30.69
C SER B 40 -17.49 -7.78 -31.99
N ALA B 41 -17.31 -8.45 -33.13
CA ALA B 41 -17.18 -7.80 -34.51
C ALA B 41 -18.37 -6.92 -34.82
N ALA B 42 -19.59 -7.42 -34.61
CA ALA B 42 -20.80 -6.61 -34.86
C ALA B 42 -20.80 -5.31 -34.08
N GLU B 43 -20.59 -5.41 -32.77
CA GLU B 43 -20.60 -4.24 -31.87
C GLU B 43 -19.43 -3.30 -32.13
N ALA B 44 -18.25 -3.87 -32.43
CA ALA B 44 -17.09 -3.04 -32.74
C ALA B 44 -17.27 -2.29 -34.09
N ASN B 45 -17.81 -2.98 -35.11
CA ASN B 45 -18.10 -2.32 -36.40
C ASN B 45 -19.19 -1.27 -36.34
N ALA B 46 -20.21 -1.47 -35.48
CA ALA B 46 -21.25 -0.44 -35.29
C ALA B 46 -20.64 0.82 -34.59
N LEU B 47 -19.72 0.58 -33.67
CA LEU B 47 -19.07 1.69 -33.00
C LEU B 47 -18.20 2.45 -34.00
N SER B 48 -17.41 1.73 -34.77
CA SER B 48 -16.65 2.37 -35.86
C SER B 48 -17.53 3.20 -36.80
N ALA B 49 -18.70 2.67 -37.17
CA ALA B 49 -19.60 3.37 -38.14
C ALA B 49 -20.03 4.69 -37.55
N THR B 50 -20.38 4.64 -36.26
CA THR B 50 -20.82 5.85 -35.48
C THR B 50 -19.72 6.90 -35.42
N LEU B 51 -18.53 6.48 -35.03
CA LEU B 51 -17.43 7.43 -34.93
C LEU B 51 -16.99 7.97 -36.33
N ASN B 52 -16.99 7.11 -37.37
CA ASN B 52 -16.60 7.55 -38.73
C ASN B 52 -17.64 8.49 -39.34
N ALA B 53 -18.91 8.30 -38.98
CA ALA B 53 -19.98 9.21 -39.38
C ALA B 53 -19.81 10.59 -38.75
N ARG B 54 -19.29 10.63 -37.53
CA ARG B 54 -19.10 11.87 -36.79
C ARG B 54 -17.90 12.62 -37.36
N ARG B 55 -16.84 11.87 -37.68
CA ARG B 55 -15.63 12.44 -38.17
CA ARG B 55 -15.62 12.45 -38.19
C ARG B 55 -15.02 11.39 -39.12
N PRO B 56 -14.95 11.72 -40.45
CA PRO B 56 -14.47 10.75 -41.42
C PRO B 56 -13.08 10.23 -41.07
N ASN B 57 -12.84 8.92 -41.29
CA ASN B 57 -11.52 8.26 -41.01
C ASN B 57 -10.98 8.44 -39.58
N SER B 58 -11.87 8.30 -38.58
CA SER B 58 -11.48 8.50 -37.21
C SER B 58 -11.62 7.23 -36.36
N ALA B 59 -12.04 6.12 -36.98
CA ALA B 59 -12.00 4.83 -36.34
C ALA B 59 -11.73 3.72 -37.32
N ILE B 60 -11.06 2.68 -36.80
CA ILE B 60 -10.94 1.41 -37.50
C ILE B 60 -11.19 0.31 -36.46
N THR B 61 -11.40 -0.93 -36.93
CA THR B 61 -11.46 -2.11 -36.07
C THR B 61 -10.38 -3.13 -36.44
N VAL B 62 -9.91 -3.87 -35.43
CA VAL B 62 -8.96 -4.98 -35.62
C VAL B 62 -9.29 -6.13 -34.64
N GLN B 63 -9.17 -7.36 -35.14
CA GLN B 63 -9.51 -8.56 -34.41
C GLN B 63 -8.24 -9.17 -33.89
N ALA B 64 -8.22 -9.54 -32.63
CA ALA B 64 -7.17 -10.44 -32.13
C ALA B 64 -7.65 -11.15 -30.86
N ASP B 65 -7.33 -12.44 -30.77
CA ASP B 65 -7.47 -13.18 -29.53
C ASP B 65 -6.26 -12.76 -28.70
N LEU B 66 -6.47 -12.28 -27.48
CA LEU B 66 -5.32 -11.83 -26.65
C LEU B 66 -4.89 -12.91 -25.65
N SER B 67 -5.47 -14.10 -25.77
CA SER B 67 -5.07 -15.23 -24.98
CA SER B 67 -5.07 -15.23 -24.96
C SER B 67 -3.64 -15.60 -25.26
N ASN B 68 -2.95 -16.18 -24.29
CA ASN B 68 -1.54 -16.56 -24.47
C ASN B 68 -1.42 -17.90 -25.21
N VAL B 69 -1.90 -17.93 -26.45
CA VAL B 69 -1.87 -19.15 -27.28
C VAL B 69 -1.42 -18.78 -28.68
N ALA B 70 -1.03 -19.81 -29.44
CA ALA B 70 -0.82 -19.69 -30.90
C ALA B 70 -2.15 -19.77 -31.63
N THR B 71 -2.20 -19.05 -32.74
CA THR B 71 -3.30 -19.10 -33.68
C THR B 71 -2.74 -19.50 -35.02
N ALA B 72 -3.57 -20.08 -35.87
CA ALA B 72 -3.19 -20.46 -37.23
C ALA B 72 -3.15 -19.20 -38.12
N PRO B 73 -2.46 -19.29 -39.29
CA PRO B 73 -2.60 -18.27 -40.36
C PRO B 73 -3.98 -18.26 -41.04
N ALA B 81 2.99 -21.83 -40.46
CA ALA B 81 3.61 -21.35 -39.20
C ALA B 81 2.57 -20.75 -38.25
N PRO B 82 2.48 -21.24 -36.97
CA PRO B 82 1.45 -20.66 -36.06
C PRO B 82 1.86 -19.27 -35.53
N VAL B 83 0.86 -18.42 -35.31
CA VAL B 83 1.07 -17.02 -34.90
C VAL B 83 0.96 -16.90 -33.37
N THR B 84 2.06 -16.47 -32.75
CA THR B 84 2.15 -16.31 -31.30
C THR B 84 1.39 -15.03 -30.82
N LEU B 85 1.06 -14.94 -29.52
CA LEU B 85 0.47 -13.74 -28.90
C LEU B 85 1.27 -12.48 -29.18
N PHE B 86 2.58 -12.58 -29.07
CA PHE B 86 3.51 -11.48 -29.33
C PHE B 86 3.31 -10.89 -30.73
N THR B 87 3.21 -11.76 -31.74
CA THR B 87 3.06 -11.30 -33.13
C THR B 87 1.70 -10.55 -33.30
N ARG B 88 0.63 -11.10 -32.72
CA ARG B 88 -0.68 -10.47 -32.85
C ARG B 88 -0.70 -9.07 -32.18
N CYS B 89 -0.08 -8.98 -31.01
CA CYS B 89 0.12 -7.75 -30.32
C CYS B 89 0.92 -6.72 -31.13
N ALA B 90 2.09 -7.11 -31.66
CA ALA B 90 2.83 -6.23 -32.63
C ALA B 90 1.95 -5.76 -33.81
N GLU B 91 1.15 -6.67 -34.39
CA GLU B 91 0.29 -6.34 -35.52
C GLU B 91 -0.80 -5.32 -35.18
N LEU B 92 -1.24 -5.31 -33.92
CA LEU B 92 -2.23 -4.30 -33.47
C LEU B 92 -1.67 -2.89 -33.48
N VAL B 93 -0.53 -2.74 -32.83
CA VAL B 93 0.16 -1.47 -32.78
C VAL B 93 0.49 -1.05 -34.25
N ALA B 94 1.02 -2.01 -35.05
CA ALA B 94 1.35 -1.76 -36.49
C ALA B 94 0.15 -1.25 -37.27
N ALA B 95 -1.03 -1.80 -36.97
CA ALA B 95 -2.26 -1.40 -37.68
C ALA B 95 -2.48 0.09 -37.55
N CYS B 96 -2.15 0.65 -36.39
CA CYS B 96 -2.28 2.08 -36.17
C CYS B 96 -1.26 2.79 -37.03
N TYR B 97 -0.04 2.29 -37.04
CA TYR B 97 0.98 2.99 -37.78
C TYR B 97 0.71 2.95 -39.31
N THR B 98 0.40 1.76 -39.83
CA THR B 98 -0.01 1.58 -41.20
C THR B 98 -1.11 2.57 -41.63
N HIS B 99 -2.15 2.77 -40.80
CA HIS B 99 -3.32 3.53 -41.18
C HIS B 99 -3.22 5.04 -40.95
N TRP B 100 -2.56 5.44 -39.89
CA TRP B 100 -2.50 6.87 -39.52
C TRP B 100 -1.10 7.37 -39.20
N GLY B 101 -0.09 6.51 -39.21
CA GLY B 101 1.29 7.00 -39.07
C GLY B 101 1.71 7.28 -37.63
N ARG B 102 0.89 6.85 -36.67
CA ARG B 102 1.20 7.10 -35.27
C ARG B 102 0.33 6.25 -34.34
N CYS B 103 0.82 6.10 -33.11
CA CYS B 103 0.08 5.55 -32.03
C CYS B 103 0.51 6.31 -30.78
N ASP B 104 -0.37 7.16 -30.27
CA ASP B 104 -0.05 8.03 -29.17
C ASP B 104 -0.50 7.50 -27.81
N VAL B 105 -1.62 6.78 -27.79
CA VAL B 105 -2.22 6.33 -26.56
C VAL B 105 -2.52 4.82 -26.71
N LEU B 106 -2.28 4.04 -25.64
CA LEU B 106 -2.61 2.60 -25.60
C LEU B 106 -3.45 2.39 -24.34
N VAL B 107 -4.62 1.78 -24.50
CA VAL B 107 -5.46 1.46 -23.35
C VAL B 107 -5.64 -0.06 -23.31
N ASN B 108 -5.01 -0.72 -22.31
CA ASN B 108 -5.17 -2.14 -22.07
C ASN B 108 -6.37 -2.34 -21.23
N ASN B 109 -7.44 -2.61 -21.94
CA ASN B 109 -8.80 -2.73 -21.36
C ASN B 109 -9.34 -4.14 -21.47
N ALA B 110 -9.04 -4.82 -22.56
CA ALA B 110 -9.55 -6.17 -22.79
C ALA B 110 -9.21 -7.05 -21.59
N SER B 111 -10.15 -7.89 -21.15
CA SER B 111 -9.94 -8.63 -19.92
C SER B 111 -10.97 -9.74 -19.82
N SER B 112 -10.52 -10.99 -19.74
CA SER B 112 -11.45 -12.01 -19.35
C SER B 112 -11.51 -12.08 -17.80
N PHE B 113 -12.68 -12.47 -17.31
CA PHE B 113 -13.01 -12.47 -15.90
C PHE B 113 -13.95 -13.67 -15.66
N TYR B 114 -13.45 -14.75 -15.03
CA TYR B 114 -14.30 -15.89 -14.61
C TYR B 114 -13.59 -16.70 -13.53
N PRO B 115 -14.34 -17.58 -12.80
CA PRO B 115 -13.82 -18.31 -11.63
C PRO B 115 -12.73 -19.29 -12.01
N THR B 116 -11.67 -19.37 -11.18
CA THR B 116 -10.72 -20.48 -11.21
C THR B 116 -10.56 -20.92 -9.75
N PRO B 117 -11.54 -21.69 -9.25
CA PRO B 117 -11.57 -22.00 -7.79
C PRO B 117 -10.41 -22.90 -7.36
N LEU B 118 -9.98 -22.78 -6.12
CA LEU B 118 -8.87 -23.56 -5.60
C LEU B 118 -9.39 -24.88 -5.02
N LEU B 119 -10.68 -24.90 -4.74
CA LEU B 119 -11.32 -26.00 -4.06
C LEU B 119 -12.55 -26.41 -4.90
N ARG B 120 -12.74 -27.74 -5.05
CA ARG B 120 -13.97 -28.34 -5.67
C ARG B 120 -15.14 -28.41 -4.66
N GLU B 134 -7.56 -29.64 -16.59
CA GLU B 134 -7.89 -30.11 -17.93
C GLU B 134 -7.92 -28.91 -18.90
N ALA B 135 -9.03 -28.16 -18.87
CA ALA B 135 -9.19 -26.84 -19.50
C ALA B 135 -9.10 -25.78 -18.40
N MET B 136 -8.30 -26.11 -17.38
CA MET B 136 -7.70 -25.16 -16.43
C MET B 136 -6.47 -24.53 -17.10
N GLU B 137 -5.85 -25.25 -18.05
CA GLU B 137 -4.81 -24.70 -18.94
C GLU B 137 -5.39 -23.65 -19.94
N THR B 138 -6.69 -23.74 -20.26
CA THR B 138 -7.37 -22.68 -21.04
C THR B 138 -7.44 -21.39 -20.22
N ALA B 139 -7.81 -21.49 -18.93
CA ALA B 139 -8.01 -20.37 -18.02
C ALA B 139 -6.71 -19.61 -17.89
N THR B 140 -5.62 -20.35 -17.66
CA THR B 140 -4.30 -19.81 -17.47
C THR B 140 -3.93 -18.94 -18.67
N ALA B 141 -4.07 -19.50 -19.87
CA ALA B 141 -3.67 -18.82 -21.08
C ALA B 141 -4.61 -17.62 -21.30
N ASP B 142 -5.89 -17.79 -21.01
CA ASP B 142 -6.87 -16.79 -21.39
C ASP B 142 -6.87 -15.64 -20.41
N LEU B 143 -7.04 -15.99 -19.14
CA LEU B 143 -7.03 -15.00 -18.10
C LEU B 143 -5.67 -14.30 -17.98
N PHE B 144 -4.57 -15.06 -18.04
CA PHE B 144 -3.23 -14.45 -17.94
C PHE B 144 -2.82 -13.63 -19.18
N GLY B 145 -3.26 -14.06 -20.38
CA GLY B 145 -2.95 -13.39 -21.66
C GLY B 145 -3.59 -12.04 -21.79
N SER B 146 -4.93 -12.02 -21.77
CA SER B 146 -5.71 -10.79 -21.92
CA SER B 146 -5.71 -10.79 -21.92
C SER B 146 -5.30 -9.76 -20.88
N ASN B 147 -5.23 -10.18 -19.60
CA ASN B 147 -5.00 -9.29 -18.46
C ASN B 147 -3.57 -8.92 -18.20
N ALA B 148 -2.59 -9.71 -18.64
CA ALA B 148 -1.24 -9.39 -18.19
C ALA B 148 -0.21 -9.56 -19.31
N ILE B 149 -0.22 -10.71 -19.96
CA ILE B 149 0.80 -10.98 -21.00
C ILE B 149 0.59 -10.19 -22.27
N ALA B 150 -0.64 -10.15 -22.79
CA ALA B 150 -0.86 -9.30 -23.97
C ALA B 150 -0.52 -7.80 -23.65
N PRO B 151 -0.96 -7.25 -22.48
CA PRO B 151 -0.57 -5.85 -22.20
C PRO B 151 0.94 -5.64 -22.21
N TYR B 152 1.68 -6.61 -21.68
CA TYR B 152 3.13 -6.51 -21.73
C TYR B 152 3.65 -6.39 -23.18
N PHE B 153 3.20 -7.28 -24.05
CA PHE B 153 3.63 -7.22 -25.46
C PHE B 153 3.20 -5.93 -26.22
N LEU B 154 1.97 -5.48 -25.96
CA LEU B 154 1.44 -4.28 -26.52
C LEU B 154 2.30 -3.09 -26.11
N ILE B 155 2.62 -3.01 -24.83
CA ILE B 155 3.49 -1.92 -24.31
C ILE B 155 4.86 -1.95 -24.99
N LYS B 156 5.39 -3.16 -25.13
CA LYS B 156 6.68 -3.40 -25.77
C LYS B 156 6.67 -2.96 -27.22
N ALA B 157 5.69 -3.43 -28.01
CA ALA B 157 5.53 -3.01 -29.41
C ALA B 157 5.36 -1.51 -29.50
N PHE B 158 4.52 -0.97 -28.61
CA PHE B 158 4.22 0.49 -28.59
C PHE B 158 5.49 1.33 -28.47
N ALA B 159 6.25 1.00 -27.42
CA ALA B 159 7.54 1.60 -27.09
C ALA B 159 8.57 1.45 -28.18
N HIS B 160 8.68 0.24 -28.76
CA HIS B 160 9.64 0.02 -29.89
CA HIS B 160 9.61 0.00 -29.87
C HIS B 160 9.38 1.07 -30.98
N ARG B 161 8.13 1.19 -31.43
CA ARG B 161 7.73 2.18 -32.44
C ARG B 161 8.06 3.62 -32.13
N VAL B 162 7.92 4.01 -30.87
CA VAL B 162 8.25 5.38 -30.47
C VAL B 162 9.74 5.53 -30.52
N ALA B 163 10.45 4.57 -29.92
CA ALA B 163 11.92 4.55 -29.94
C ALA B 163 12.43 4.55 -31.39
N GLY B 164 11.75 3.82 -32.29
CA GLY B 164 12.08 3.84 -33.70
C GLY B 164 11.79 5.13 -34.48
N THR B 165 10.87 5.97 -34.02
CA THR B 165 10.59 7.28 -34.62
C THR B 165 11.70 8.28 -34.29
N PRO B 166 12.29 8.95 -35.35
CA PRO B 166 13.26 10.04 -35.04
C PRO B 166 12.61 11.08 -34.12
N ALA B 167 13.35 11.45 -33.07
CA ALA B 167 12.85 12.30 -31.97
C ALA B 167 12.04 13.52 -32.41
N LYS B 168 12.47 14.15 -33.52
CA LYS B 168 11.79 15.35 -34.02
C LYS B 168 10.40 15.05 -34.62
N HIS B 169 10.14 13.78 -34.99
CA HIS B 169 8.79 13.32 -35.47
C HIS B 169 7.80 12.69 -34.41
N ARG B 170 8.30 12.48 -33.19
CA ARG B 170 7.52 11.90 -32.09
C ARG B 170 6.41 12.84 -31.65
N GLY B 171 5.27 12.28 -31.24
CA GLY B 171 4.21 13.11 -30.62
C GLY B 171 4.72 13.71 -29.31
N THR B 172 3.87 14.52 -28.69
CA THR B 172 4.21 15.22 -27.43
C THR B 172 3.46 14.64 -26.20
N ASN B 173 2.69 13.60 -26.38
CA ASN B 173 1.88 13.18 -25.26
C ASN B 173 1.58 11.71 -25.38
N TYR B 174 2.61 10.90 -25.18
CA TYR B 174 2.45 9.40 -25.16
C TYR B 174 1.92 8.95 -23.83
N SER B 175 0.83 8.19 -23.89
CA SER B 175 0.14 7.78 -22.64
C SER B 175 -0.37 6.34 -22.72
N ILE B 176 0.05 5.49 -21.79
CA ILE B 176 -0.48 4.12 -21.67
C ILE B 176 -1.32 3.94 -20.41
N ILE B 177 -2.54 3.41 -20.55
CA ILE B 177 -3.41 3.22 -19.39
C ILE B 177 -3.71 1.74 -19.28
N ASN B 178 -3.39 1.17 -18.11
CA ASN B 178 -3.77 -0.20 -17.80
C ASN B 178 -5.05 -0.21 -16.95
N MET B 179 -6.06 -0.94 -17.39
CA MET B 179 -7.29 -1.05 -16.57
C MET B 179 -7.07 -2.16 -15.57
N VAL B 180 -6.96 -1.77 -14.31
CA VAL B 180 -6.78 -2.75 -13.26
C VAL B 180 -8.06 -2.75 -12.46
N ASP B 181 -7.96 -3.23 -11.23
CA ASP B 181 -9.12 -3.41 -10.40
C ASP B 181 -8.84 -2.75 -9.06
N ALA B 182 -9.75 -1.87 -8.65
CA ALA B 182 -9.77 -1.33 -7.27
C ALA B 182 -9.87 -2.37 -6.13
N MET B 183 -10.47 -3.52 -6.41
CA MET B 183 -10.87 -4.48 -5.37
C MET B 183 -9.96 -5.68 -5.19
N THR B 184 -8.86 -5.78 -5.94
CA THR B 184 -8.10 -7.03 -5.95
C THR B 184 -7.28 -7.29 -4.68
N ASN B 185 -7.00 -6.24 -3.87
CA ASN B 185 -6.50 -6.47 -2.49
C ASN B 185 -7.49 -7.06 -1.49
N GLN B 186 -8.76 -7.07 -1.86
CA GLN B 186 -9.80 -7.70 -1.13
C GLN B 186 -10.40 -8.77 -2.09
N PRO B 187 -9.64 -9.86 -2.32
CA PRO B 187 -9.88 -10.69 -3.50
C PRO B 187 -11.28 -11.21 -3.56
N LEU B 188 -11.80 -11.30 -4.79
CA LEU B 188 -13.07 -12.00 -5.06
C LEU B 188 -12.86 -13.49 -4.88
N LEU B 189 -13.62 -14.04 -3.97
CA LEU B 189 -13.56 -15.47 -3.64
C LEU B 189 -13.66 -16.32 -4.90
N GLY B 190 -12.63 -17.12 -5.18
CA GLY B 190 -12.68 -18.08 -6.27
C GLY B 190 -12.13 -17.52 -7.58
N TYR B 191 -11.57 -16.30 -7.57
CA TYR B 191 -11.08 -15.68 -8.83
C TYR B 191 -9.55 -15.54 -8.86
N THR B 192 -8.86 -16.54 -8.31
CA THR B 192 -7.44 -16.50 -8.13
C THR B 192 -6.59 -16.11 -9.40
N ILE B 193 -6.78 -16.79 -10.52
CA ILE B 193 -6.02 -16.44 -11.74
C ILE B 193 -6.25 -15.02 -12.23
N TYR B 194 -7.50 -14.56 -12.31
CA TYR B 194 -7.88 -13.12 -12.51
C TYR B 194 -7.15 -12.17 -11.52
N THR B 195 -7.27 -12.47 -10.22
CA THR B 195 -6.62 -11.66 -9.19
C THR B 195 -5.09 -11.59 -9.43
N MET B 196 -4.48 -12.72 -9.75
CA MET B 196 -3.03 -12.79 -10.00
C MET B 196 -2.66 -11.92 -11.19
N ALA B 197 -3.46 -12.00 -12.25
CA ALA B 197 -3.11 -11.32 -13.51
C ALA B 197 -3.25 -9.79 -13.34
N LYS B 198 -4.25 -9.35 -12.56
CA LYS B 198 -4.32 -7.95 -12.18
C LYS B 198 -3.08 -7.50 -11.39
N GLY B 199 -2.64 -8.32 -10.43
CA GLY B 199 -1.39 -8.06 -9.68
C GLY B 199 -0.22 -7.97 -10.66
N ALA B 200 -0.18 -8.87 -11.66
CA ALA B 200 0.84 -8.74 -12.73
C ALA B 200 0.76 -7.39 -13.53
N LEU B 201 -0.47 -6.98 -13.87
CA LEU B 201 -0.70 -5.74 -14.54
C LEU B 201 -0.28 -4.52 -13.70
N GLU B 202 -0.59 -4.53 -12.42
CA GLU B 202 -0.11 -3.46 -11.56
C GLU B 202 1.41 -3.39 -11.60
N GLY B 203 2.09 -4.52 -11.53
CA GLY B 203 3.54 -4.50 -11.67
C GLY B 203 4.03 -3.99 -13.02
N LEU B 204 3.28 -4.31 -14.09
CA LEU B 204 3.59 -3.78 -15.43
C LEU B 204 3.54 -2.26 -15.45
N THR B 205 2.50 -1.68 -14.84
CA THR B 205 2.36 -0.24 -14.76
C THR B 205 3.61 0.46 -14.13
N ARG B 206 4.11 -0.04 -12.98
CA ARG B 206 5.24 0.53 -12.29
C ARG B 206 6.53 0.33 -13.04
N SER B 207 6.81 -0.89 -13.48
CA SER B 207 8.02 -1.21 -14.24
C SER B 207 8.07 -0.51 -15.63
N ALA B 208 6.93 -0.40 -16.31
CA ALA B 208 6.91 0.28 -17.59
C ALA B 208 7.04 1.80 -17.40
N ALA B 209 6.38 2.34 -16.40
CA ALA B 209 6.51 3.79 -16.14
C ALA B 209 7.99 4.14 -15.96
N LEU B 210 8.72 3.33 -15.22
CA LEU B 210 10.12 3.65 -14.90
C LEU B 210 10.99 3.50 -16.16
N GLU B 211 10.87 2.39 -16.85
CA GLU B 211 11.72 2.17 -17.98
C GLU B 211 11.36 3.06 -19.17
N LEU B 212 10.09 3.46 -19.32
CA LEU B 212 9.68 4.31 -20.45
C LEU B 212 9.71 5.80 -20.16
N ALA B 213 9.96 6.17 -18.90
CA ALA B 213 10.13 7.58 -18.58
C ALA B 213 11.05 8.31 -19.55
N PRO B 214 12.23 7.73 -19.95
CA PRO B 214 13.13 8.54 -20.81
C PRO B 214 12.60 8.86 -22.22
N LEU B 215 11.63 8.10 -22.71
CA LEU B 215 10.96 8.40 -23.98
C LEU B 215 9.68 9.19 -23.75
N GLN B 216 9.47 9.67 -22.52
CA GLN B 216 8.29 10.49 -22.16
C GLN B 216 6.97 9.73 -22.37
N ILE B 217 7.00 8.40 -22.17
CA ILE B 217 5.80 7.58 -22.27
C ILE B 217 5.37 7.40 -20.83
N ARG B 218 4.20 7.95 -20.53
CA ARG B 218 3.57 7.81 -19.21
C ARG B 218 2.79 6.50 -19.18
N VAL B 219 2.82 5.82 -18.02
CA VAL B 219 2.10 4.55 -17.83
C VAL B 219 1.36 4.58 -16.49
N ASN B 220 0.04 4.53 -16.53
CA ASN B 220 -0.81 4.58 -15.31
C ASN B 220 -1.93 3.54 -15.33
N GLY B 221 -2.52 3.31 -14.15
CA GLY B 221 -3.60 2.38 -13.91
C GLY B 221 -4.88 3.15 -13.54
N VAL B 222 -6.01 2.57 -13.94
CA VAL B 222 -7.32 2.99 -13.53
C VAL B 222 -8.00 1.71 -13.06
N GLY B 223 -8.39 1.71 -11.80
CA GLY B 223 -9.11 0.58 -11.22
C GLY B 223 -10.59 0.83 -10.95
N PRO B 224 -11.49 0.30 -11.82
CA PRO B 224 -12.92 0.29 -11.49
C PRO B 224 -13.13 -0.58 -10.25
N GLY B 225 -14.17 -0.28 -9.49
CA GLY B 225 -14.62 -1.22 -8.43
C GLY B 225 -15.78 -2.08 -8.98
N LEU B 226 -17.01 -1.53 -8.90
CA LEU B 226 -18.21 -2.10 -9.49
C LEU B 226 -18.65 -1.10 -10.57
N SER B 227 -18.62 -1.57 -11.81
CA SER B 227 -18.92 -0.71 -12.99
CA SER B 227 -18.96 -0.71 -12.96
C SER B 227 -19.87 -1.42 -13.94
N VAL B 228 -20.91 -0.69 -14.34
CA VAL B 228 -21.96 -1.14 -15.30
C VAL B 228 -22.27 -2.64 -15.22
N LEU B 229 -22.72 -3.10 -14.04
CA LEU B 229 -23.08 -4.51 -13.79
C LEU B 229 -24.27 -4.98 -14.68
N VAL B 230 -24.14 -6.16 -15.29
CA VAL B 230 -25.16 -6.74 -16.20
C VAL B 230 -25.84 -7.91 -15.52
N HIS B 241 -24.93 -6.43 -3.88
CA HIS B 241 -23.59 -5.84 -3.64
C HIS B 241 -23.40 -4.37 -4.07
N ARG B 242 -24.16 -3.94 -5.10
CA ARG B 242 -24.29 -2.52 -5.53
C ARG B 242 -24.56 -1.66 -4.26
N SER B 243 -25.41 -2.15 -3.37
CA SER B 243 -25.84 -1.41 -2.19
C SER B 243 -24.69 -1.22 -1.17
N LYS B 244 -23.54 -1.87 -1.39
CA LYS B 244 -22.44 -1.81 -0.43
C LYS B 244 -21.46 -0.67 -0.68
N VAL B 245 -21.57 -0.05 -1.85
CA VAL B 245 -20.67 1.03 -2.29
C VAL B 245 -21.03 2.26 -1.50
N PRO B 246 -20.07 2.76 -0.66
CA PRO B 246 -20.36 3.89 0.25
C PRO B 246 -20.90 5.05 -0.55
N LEU B 247 -20.25 5.38 -1.68
CA LEU B 247 -20.73 6.52 -2.45
C LEU B 247 -21.89 6.09 -3.39
N TYR B 248 -23.10 6.56 -3.08
CA TYR B 248 -24.32 6.40 -3.90
C TYR B 248 -25.00 5.03 -3.82
N GLN B 249 -24.32 4.02 -3.27
CA GLN B 249 -24.95 2.69 -3.14
C GLN B 249 -25.35 2.19 -4.54
N ARG B 250 -24.51 2.48 -5.53
CA ARG B 250 -24.58 1.89 -6.84
C ARG B 250 -23.18 1.65 -7.45
N ASP B 251 -23.13 0.74 -8.44
CA ASP B 251 -22.03 0.66 -9.43
C ASP B 251 -21.97 1.97 -10.26
N SER B 252 -20.83 2.15 -10.92
CA SER B 252 -20.62 3.38 -11.66
C SER B 252 -21.19 3.30 -13.09
N SER B 253 -21.42 4.45 -13.71
CA SER B 253 -21.56 4.49 -15.15
C SER B 253 -20.19 4.19 -15.82
N ALA B 254 -20.21 3.94 -17.12
CA ALA B 254 -18.99 3.71 -17.88
C ALA B 254 -18.25 5.04 -18.00
N ALA B 255 -18.99 6.14 -18.16
CA ALA B 255 -18.34 7.48 -18.24
C ALA B 255 -17.60 7.83 -16.95
N GLU B 256 -18.16 7.39 -15.82
CA GLU B 256 -17.58 7.70 -14.52
C GLU B 256 -16.18 7.13 -14.43
N VAL B 257 -15.89 6.10 -15.25
CA VAL B 257 -14.58 5.51 -15.32
C VAL B 257 -13.81 6.12 -16.47
N SER B 258 -14.47 6.16 -17.63
CA SER B 258 -13.70 6.50 -18.85
C SER B 258 -13.22 7.96 -18.90
N ASP B 259 -13.99 8.89 -18.33
CA ASP B 259 -13.49 10.26 -18.12
C ASP B 259 -12.14 10.36 -17.37
N VAL B 260 -11.92 9.48 -16.42
CA VAL B 260 -10.70 9.43 -15.67
C VAL B 260 -9.54 9.02 -16.58
N VAL B 261 -9.77 7.98 -17.38
CA VAL B 261 -8.89 7.58 -18.47
C VAL B 261 -8.55 8.79 -19.38
N ILE B 262 -9.57 9.51 -19.84
CA ILE B 262 -9.34 10.58 -20.75
C ILE B 262 -8.46 11.66 -20.08
N PHE B 263 -8.78 11.98 -18.82
CA PHE B 263 -8.00 12.98 -18.08
C PHE B 263 -6.52 12.51 -18.03
N LEU B 264 -6.26 11.25 -17.66
CA LEU B 264 -4.87 10.78 -17.53
C LEU B 264 -4.08 10.84 -18.82
N CYS B 265 -4.77 10.72 -19.96
CA CYS B 265 -4.14 10.83 -21.27
C CYS B 265 -3.94 12.25 -21.72
N SER B 266 -4.61 13.23 -21.09
CA SER B 266 -4.57 14.63 -21.57
C SER B 266 -3.24 15.25 -21.14
N SER B 267 -2.94 16.44 -21.66
CA SER B 267 -1.67 17.07 -21.36
C SER B 267 -1.62 17.66 -19.96
N LYS B 268 -2.78 17.96 -19.39
CA LYS B 268 -2.85 18.40 -17.99
C LYS B 268 -2.31 17.36 -16.97
N ALA B 269 -2.32 16.08 -17.36
CA ALA B 269 -1.81 14.97 -16.56
C ALA B 269 -0.34 14.57 -16.93
N LYS B 270 0.44 15.47 -17.54
CA LYS B 270 1.80 15.11 -18.04
C LYS B 270 2.91 14.77 -17.02
N TYR B 271 2.67 15.01 -15.74
CA TYR B 271 3.67 14.74 -14.74
C TYR B 271 3.25 13.48 -13.93
N ILE B 272 2.15 12.84 -14.36
CA ILE B 272 1.65 11.64 -13.70
C ILE B 272 2.09 10.39 -14.45
N THR B 273 2.94 9.60 -13.83
CA THR B 273 3.26 8.30 -14.34
C THR B 273 3.49 7.27 -13.20
N GLY B 274 3.22 6.00 -13.47
CA GLY B 274 3.48 4.95 -12.47
C GLY B 274 2.44 4.86 -11.41
N THR B 275 1.35 5.60 -11.57
CA THR B 275 0.36 5.63 -10.56
C THR B 275 -0.96 4.94 -11.01
N VAL B 277 -5.23 5.02 -10.33
CA VAL B 277 -6.37 5.77 -9.79
C VAL B 277 -7.56 4.84 -9.62
N LYS B 278 -7.99 4.65 -8.36
CA LYS B 278 -9.22 3.88 -8.04
C LYS B 278 -10.41 4.71 -8.40
N VAL B 279 -11.36 4.09 -9.04
CA VAL B 279 -12.61 4.74 -9.34
C VAL B 279 -13.70 3.81 -8.84
N ASP B 280 -13.94 3.84 -7.54
CA ASP B 280 -14.66 2.74 -6.89
C ASP B 280 -15.71 3.22 -5.93
N GLY B 281 -15.95 4.51 -5.88
CA GLY B 281 -16.95 5.10 -4.99
C GLY B 281 -16.72 4.69 -3.53
N GLY B 282 -15.47 4.41 -3.17
CA GLY B 282 -15.15 4.07 -1.79
C GLY B 282 -15.32 2.60 -1.39
N TYR B 283 -15.66 1.75 -2.35
CA TYR B 283 -15.83 0.33 -2.10
C TYR B 283 -14.60 -0.33 -1.43
N SER B 284 -13.38 -0.05 -1.91
CA SER B 284 -12.17 -0.55 -1.22
C SER B 284 -11.98 -0.08 0.24
N LEU B 285 -12.78 0.87 0.74
CA LEU B 285 -12.65 1.28 2.12
C LEU B 285 -13.41 0.39 3.05
N THR B 286 -14.20 -0.54 2.48
CA THR B 286 -15.17 -1.32 3.29
C THR B 286 -14.50 -2.58 3.77
N ARG B 287 -15.09 -3.20 4.80
CA ARG B 287 -14.62 -4.45 5.37
C ARG B 287 -15.88 -5.27 5.67
N ALA B 288 -15.77 -6.59 5.77
CA ALA B 288 -16.97 -7.39 6.03
C ALA B 288 -17.50 -7.14 7.46
N THR C 5 24.17 -9.61 32.32
CA THR C 5 23.64 -8.94 31.08
C THR C 5 22.17 -9.35 30.91
N VAL C 6 21.27 -8.63 31.57
CA VAL C 6 19.82 -8.92 31.52
C VAL C 6 19.07 -7.83 30.69
N PRO C 7 18.55 -8.16 29.47
CA PRO C 7 18.03 -7.04 28.69
C PRO C 7 16.69 -6.51 29.22
N VAL C 8 16.39 -5.27 28.88
CA VAL C 8 15.25 -4.59 29.47
C VAL C 8 14.26 -4.19 28.40
N ALA C 9 12.97 -4.29 28.73
CA ALA C 9 11.89 -3.96 27.79
C ALA C 9 10.96 -2.99 28.45
N LEU C 10 10.63 -1.90 27.76
CA LEU C 10 9.60 -0.97 28.23
C LEU C 10 8.31 -1.27 27.43
N VAL C 11 7.20 -1.47 28.14
CA VAL C 11 5.93 -1.80 27.49
C VAL C 11 4.94 -0.81 28.02
N THR C 12 4.46 0.07 27.13
CA THR C 12 3.39 0.99 27.49
C THR C 12 2.02 0.30 27.44
N GLY C 13 1.11 0.76 28.30
CA GLY C 13 -0.16 0.05 28.59
C GLY C 13 -0.03 -1.46 28.86
N ALA C 14 0.91 -1.82 29.74
CA ALA C 14 1.24 -3.22 30.01
C ALA C 14 0.31 -3.94 31.00
N ALA C 15 -0.61 -3.21 31.64
CA ALA C 15 -1.36 -3.76 32.80
C ALA C 15 -2.28 -4.92 32.39
N LYS C 16 -2.99 -4.77 31.25
CA LYS C 16 -3.89 -5.84 30.76
C LYS C 16 -3.84 -6.11 29.26
N ARG C 17 -4.65 -7.10 28.85
CA ARG C 17 -4.89 -7.55 27.50
C ARG C 17 -3.57 -7.68 26.75
N LEU C 18 -3.42 -7.05 25.59
CA LEU C 18 -2.27 -7.35 24.71
C LEU C 18 -0.96 -6.89 25.34
N GLY C 19 -0.98 -5.70 25.95
CA GLY C 19 0.19 -5.18 26.70
C GLY C 19 0.71 -6.20 27.72
N ARG C 20 -0.18 -6.70 28.56
CA ARG C 20 0.21 -7.69 29.58
C ARG C 20 0.77 -8.94 28.94
N SER C 21 0.16 -9.38 27.84
CA SER C 21 0.59 -10.57 27.14
C SER C 21 1.98 -10.38 26.56
N ILE C 22 2.24 -9.18 26.02
CA ILE C 22 3.56 -8.79 25.50
C ILE C 22 4.62 -8.74 26.62
N ALA C 23 4.27 -8.08 27.73
CA ALA C 23 5.13 -7.99 28.92
C ALA C 23 5.46 -9.36 29.48
N GLU C 24 4.49 -10.28 29.47
CA GLU C 24 4.74 -11.69 29.88
C GLU C 24 5.66 -12.41 28.93
N GLY C 25 5.44 -12.27 27.62
CA GLY C 25 6.19 -13.01 26.61
C GLY C 25 7.63 -12.55 26.53
N LEU C 26 7.83 -11.27 26.80
CA LEU C 26 9.17 -10.71 26.92
C LEU C 26 9.82 -11.20 28.24
N HIS C 27 9.06 -11.19 29.33
CA HIS C 27 9.57 -11.68 30.60
C HIS C 27 10.03 -13.16 30.44
N ALA C 28 9.15 -13.98 29.84
CA ALA C 28 9.45 -15.39 29.56
C ALA C 28 10.69 -15.64 28.73
N GLU C 29 11.15 -14.63 27.97
CA GLU C 29 12.36 -14.81 27.18
C GLU C 29 13.58 -14.35 27.97
N GLY C 30 13.38 -13.74 29.13
CA GLY C 30 14.50 -13.36 29.94
C GLY C 30 14.63 -11.89 30.13
N TYR C 31 13.65 -11.10 29.65
CA TYR C 31 13.68 -9.65 29.86
C TYR C 31 13.26 -9.23 31.24
N ALA C 32 13.98 -8.25 31.80
CA ALA C 32 13.40 -7.35 32.82
C ALA C 32 12.41 -6.44 32.10
N VAL C 33 11.28 -6.14 32.74
CA VAL C 33 10.18 -5.43 32.09
CA VAL C 33 10.21 -5.41 32.08
C VAL C 33 9.74 -4.20 32.89
N CYS C 34 9.70 -3.04 32.25
CA CYS C 34 9.15 -1.90 32.90
C CYS C 34 7.72 -1.73 32.36
N LEU C 35 6.74 -1.78 33.26
CA LEU C 35 5.37 -1.96 32.87
C LEU C 35 4.69 -0.64 33.07
N HIS C 36 4.38 0.07 31.98
CA HIS C 36 3.80 1.41 32.14
C HIS C 36 2.27 1.22 32.31
N TYR C 37 1.57 2.18 32.91
CA TYR C 37 0.08 2.08 33.04
C TYR C 37 -0.32 3.50 33.30
N HIS C 38 -1.62 3.78 33.20
CA HIS C 38 -2.16 5.12 33.42
C HIS C 38 -3.19 5.07 34.57
N ARG C 39 -4.33 4.39 34.35
CA ARG C 39 -5.41 4.35 35.35
CA ARG C 39 -5.45 4.34 35.31
C ARG C 39 -5.52 2.96 35.99
N SER C 40 -4.88 1.96 35.37
CA SER C 40 -4.91 0.59 35.84
C SER C 40 -3.79 0.20 36.84
N ALA C 41 -3.66 1.00 37.91
CA ALA C 41 -2.69 0.77 39.03
C ALA C 41 -2.74 -0.65 39.61
N ALA C 42 -3.94 -1.11 39.91
CA ALA C 42 -4.12 -2.40 40.58
C ALA C 42 -3.74 -3.56 39.68
N GLU C 43 -4.14 -3.53 38.40
CA GLU C 43 -3.77 -4.62 37.49
C GLU C 43 -2.27 -4.65 37.25
N ALA C 44 -1.69 -3.48 37.10
CA ALA C 44 -0.27 -3.35 36.85
C ALA C 44 0.54 -3.88 38.02
N ASN C 45 0.19 -3.43 39.22
CA ASN C 45 0.86 -3.92 40.45
C ASN C 45 0.72 -5.43 40.67
N ALA C 46 -0.46 -5.98 40.36
CA ALA C 46 -0.70 -7.42 40.38
C ALA C 46 0.21 -8.18 39.42
N LEU C 47 0.31 -7.71 38.17
CA LEU C 47 1.18 -8.40 37.18
C LEU C 47 2.70 -8.33 37.56
N SER C 48 3.11 -7.16 38.05
CA SER C 48 4.47 -6.93 38.54
C SER C 48 4.80 -7.97 39.63
N ALA C 49 3.85 -8.12 40.58
CA ALA C 49 4.00 -9.06 41.72
C ALA C 49 4.15 -10.48 41.19
N THR C 50 3.36 -10.84 40.18
CA THR C 50 3.45 -12.16 39.56
C THR C 50 4.80 -12.44 38.95
N LEU C 51 5.36 -11.45 38.24
CA LEU C 51 6.61 -11.67 37.49
C LEU C 51 7.83 -11.56 38.39
N ASN C 52 7.77 -10.65 39.38
CA ASN C 52 8.80 -10.61 40.43
C ASN C 52 8.92 -11.92 41.23
N ALA C 53 7.78 -12.59 41.47
CA ALA C 53 7.79 -13.89 42.13
C ALA C 53 8.37 -14.99 41.23
N ARG C 54 8.34 -14.82 39.91
CA ARG C 54 9.02 -15.82 39.05
C ARG C 54 10.53 -15.58 38.98
N ARG C 55 10.94 -14.32 39.12
CA ARG C 55 12.32 -13.92 38.93
C ARG C 55 12.39 -12.59 39.64
N PRO C 56 13.12 -12.54 40.78
CA PRO C 56 13.05 -11.33 41.63
C PRO C 56 13.64 -10.12 40.95
N ASN C 57 13.03 -8.96 41.18
CA ASN C 57 13.53 -7.69 40.62
C ASN C 57 13.65 -7.71 39.03
N SER C 58 12.60 -8.22 38.39
CA SER C 58 12.52 -8.34 36.93
C SER C 58 11.26 -7.68 36.40
N ALA C 59 10.50 -7.02 37.28
CA ALA C 59 9.41 -6.13 36.87
C ALA C 59 9.39 -4.89 37.75
N ILE C 60 9.12 -3.73 37.17
CA ILE C 60 8.72 -2.52 37.92
C ILE C 60 7.49 -1.93 37.22
N THR C 61 6.80 -0.97 37.85
CA THR C 61 5.68 -0.24 37.24
C THR C 61 5.93 1.26 37.28
N VAL C 62 5.48 1.96 36.24
CA VAL C 62 5.54 3.43 36.17
CA VAL C 62 5.56 3.43 36.12
C VAL C 62 4.23 3.89 35.57
N GLN C 63 3.80 5.04 36.08
CA GLN C 63 2.52 5.60 35.75
C GLN C 63 2.69 6.86 34.94
N ALA C 64 1.98 6.93 33.84
CA ALA C 64 2.01 8.18 33.03
C ALA C 64 0.78 8.31 32.14
N ASP C 65 0.18 9.49 32.20
CA ASP C 65 -0.73 9.92 31.15
C ASP C 65 0.12 10.27 29.89
N LEU C 66 -0.19 9.56 28.81
CA LEU C 66 0.52 9.72 27.52
C LEU C 66 -0.30 10.60 26.60
N SER C 67 -1.26 11.32 27.17
CA SER C 67 -2.02 12.25 26.43
C SER C 67 -1.15 13.47 26.16
N ASN C 68 -1.39 14.14 25.04
CA ASN C 68 -0.57 15.31 24.70
C ASN C 68 -1.03 16.55 25.50
N VAL C 69 -0.88 16.50 26.82
CA VAL C 69 -1.23 17.58 27.76
C VAL C 69 -0.11 17.77 28.80
N ALA C 70 -0.04 18.98 29.36
CA ALA C 70 0.82 19.24 30.53
C ALA C 70 0.14 18.70 31.79
N THR C 71 0.92 18.20 32.72
CA THR C 71 0.37 17.67 33.96
C THR C 71 0.88 18.41 35.19
N ALA C 72 0.23 18.12 36.33
CA ALA C 72 0.51 18.63 37.70
C ALA C 72 1.96 18.43 38.13
N PRO C 73 2.67 19.53 38.52
CA PRO C 73 4.03 19.39 39.13
C PRO C 73 4.03 18.71 40.51
N ALA C 81 6.23 25.05 37.55
CA ALA C 81 6.22 24.69 36.13
C ALA C 81 5.27 23.50 35.88
N PRO C 82 4.52 23.49 34.74
CA PRO C 82 3.83 22.21 34.44
C PRO C 82 4.75 21.23 33.68
N VAL C 83 4.51 19.92 33.86
CA VAL C 83 5.28 18.86 33.23
C VAL C 83 4.69 18.48 31.85
N THR C 84 5.52 18.61 30.82
CA THR C 84 5.12 18.31 29.44
C THR C 84 5.04 16.79 29.18
N LEU C 85 4.36 16.39 28.08
CA LEU C 85 4.30 14.99 27.68
C LEU C 85 5.70 14.48 27.35
N PHE C 86 6.48 15.35 26.69
CA PHE C 86 7.85 15.03 26.32
C PHE C 86 8.64 14.55 27.55
N THR C 87 8.54 15.31 28.64
CA THR C 87 9.26 14.99 29.88
C THR C 87 8.79 13.64 30.46
N ARG C 88 7.47 13.45 30.55
CA ARG C 88 6.94 12.18 31.14
C ARG C 88 7.45 11.00 30.35
N CYS C 89 7.64 11.20 29.04
CA CYS C 89 8.13 10.15 28.16
C CYS C 89 9.57 9.89 28.36
N ALA C 90 10.38 10.94 28.48
CA ALA C 90 11.79 10.80 28.78
C ALA C 90 11.94 10.13 30.14
N GLU C 91 11.13 10.55 31.10
CA GLU C 91 11.12 9.92 32.43
C GLU C 91 10.80 8.42 32.45
N LEU C 92 9.96 7.92 31.53
CA LEU C 92 9.73 6.45 31.42
C LEU C 92 10.96 5.67 30.98
N VAL C 93 11.65 6.20 29.97
CA VAL C 93 12.87 5.56 29.47
C VAL C 93 13.96 5.69 30.58
N ALA C 94 13.98 6.85 31.27
CA ALA C 94 14.90 7.10 32.40
C ALA C 94 14.76 6.01 33.49
N ALA C 95 13.51 5.74 33.92
CA ALA C 95 13.20 4.64 34.89
C ALA C 95 13.87 3.31 34.54
N CYS C 96 14.07 3.03 33.26
CA CYS C 96 14.75 1.80 32.87
C CYS C 96 16.21 1.92 33.09
N TYR C 97 16.75 3.12 32.85
CA TYR C 97 18.19 3.23 32.97
C TYR C 97 18.62 3.27 34.45
N THR C 98 17.98 4.17 35.22
CA THR C 98 18.06 4.23 36.67
C THR C 98 17.98 2.85 37.35
N HIS C 99 16.99 2.04 37.02
CA HIS C 99 16.78 0.79 37.74
C HIS C 99 17.65 -0.36 37.25
N TRP C 100 17.92 -0.46 35.95
CA TRP C 100 18.66 -1.62 35.42
C TRP C 100 19.79 -1.26 34.51
N GLY C 101 19.98 0.03 34.24
CA GLY C 101 21.16 0.47 33.46
C GLY C 101 21.06 0.31 31.95
N ARG C 102 19.84 0.03 31.46
CA ARG C 102 19.59 -0.25 30.05
C ARG C 102 18.14 -0.26 29.63
N CYS C 103 17.92 -0.15 28.32
CA CYS C 103 16.59 -0.24 27.71
C CYS C 103 16.85 -0.72 26.32
N ASP C 104 16.51 -1.99 26.10
CA ASP C 104 16.79 -2.66 24.82
C ASP C 104 15.62 -2.66 23.86
N VAL C 105 14.43 -2.64 24.43
CA VAL C 105 13.20 -2.89 23.65
C VAL C 105 12.20 -1.95 24.18
N LEU C 106 11.53 -1.29 23.25
CA LEU C 106 10.40 -0.43 23.55
C LEU C 106 9.21 -0.94 22.79
N VAL C 107 8.10 -1.13 23.49
CA VAL C 107 6.84 -1.51 22.81
C VAL C 107 5.84 -0.40 23.07
N ASN C 108 5.52 0.31 21.99
CA ASN C 108 4.49 1.34 21.99
C ASN C 108 3.13 0.69 21.85
N ASN C 109 2.51 0.41 22.98
CA ASN C 109 1.28 -0.38 22.99
C ASN C 109 0.07 0.34 23.53
N ALA C 110 0.27 1.20 24.52
CA ALA C 110 -0.77 2.11 25.04
C ALA C 110 -1.58 2.75 23.90
N SER C 111 -2.90 2.86 24.04
CA SER C 111 -3.73 3.37 22.96
C SER C 111 -5.08 3.67 23.51
N SER C 112 -5.55 4.90 23.36
CA SER C 112 -6.96 5.10 23.60
C SER C 112 -7.75 4.89 22.30
N PHE C 113 -8.99 4.44 22.43
CA PHE C 113 -9.78 4.09 21.26
C PHE C 113 -11.27 4.35 21.52
N TYR C 114 -11.81 5.41 20.94
CA TYR C 114 -13.28 5.71 21.08
C TYR C 114 -13.66 6.59 19.91
N PRO C 115 -14.99 6.76 19.64
CA PRO C 115 -15.39 7.51 18.45
C PRO C 115 -15.19 9.00 18.53
N THR C 116 -14.85 9.57 17.34
CA THR C 116 -14.87 10.98 17.11
C THR C 116 -15.68 11.29 15.83
N PRO C 117 -17.04 11.20 15.90
CA PRO C 117 -17.87 11.32 14.69
C PRO C 117 -17.66 12.67 14.00
N LEU C 118 -17.57 12.67 12.67
CA LEU C 118 -17.59 13.90 11.84
C LEU C 118 -18.97 14.51 11.78
N LEU C 119 -20.01 13.67 11.93
CA LEU C 119 -21.42 14.10 11.92
C LEU C 119 -22.17 13.94 13.27
N ARG C 120 -23.00 14.91 13.62
CA ARG C 120 -23.92 14.85 14.81
C ARG C 120 -25.24 14.14 14.43
N ARG C 133 -17.83 20.01 23.78
CA ARG C 133 -16.71 20.53 22.95
C ARG C 133 -15.36 20.78 23.71
N GLU C 134 -15.39 20.71 25.05
CA GLU C 134 -14.20 20.36 25.84
C GLU C 134 -13.90 18.82 25.60
N ALA C 135 -14.93 18.08 25.18
CA ALA C 135 -14.81 16.70 24.65
C ALA C 135 -13.91 16.58 23.40
N MET C 136 -14.14 17.47 22.43
CA MET C 136 -13.33 17.59 21.19
C MET C 136 -11.83 17.91 21.43
N GLU C 137 -11.53 18.88 22.30
CA GLU C 137 -10.12 19.18 22.68
C GLU C 137 -9.50 17.96 23.35
N THR C 138 -10.24 17.38 24.30
CA THR C 138 -9.61 16.35 25.08
C THR C 138 -9.43 15.10 24.27
N ALA C 139 -10.37 14.77 23.35
CA ALA C 139 -10.17 13.62 22.45
C ALA C 139 -8.87 13.70 21.64
N THR C 140 -8.64 14.87 21.04
CA THR C 140 -7.52 15.08 20.14
C THR C 140 -6.19 14.84 20.87
N ALA C 141 -6.06 15.45 22.04
CA ALA C 141 -4.85 15.37 22.85
C ALA C 141 -4.64 13.95 23.36
N ASP C 142 -5.71 13.25 23.71
CA ASP C 142 -5.66 11.87 24.20
C ASP C 142 -5.42 10.81 23.13
N LEU C 143 -6.28 10.80 22.09
CA LEU C 143 -6.15 9.88 20.96
C LEU C 143 -4.83 10.10 20.25
N PHE C 144 -4.47 11.35 19.96
CA PHE C 144 -3.23 11.60 19.25
C PHE C 144 -2.00 11.43 20.07
N GLY C 145 -2.08 11.87 21.35
CA GLY C 145 -0.99 11.68 22.34
C GLY C 145 -0.63 10.20 22.52
N SER C 146 -1.63 9.37 22.83
CA SER C 146 -1.38 7.96 23.19
C SER C 146 -0.91 7.13 22.02
N ASN C 147 -1.59 7.28 20.89
CA ASN C 147 -1.29 6.47 19.70
C ASN C 147 -0.14 6.94 18.84
N ALA C 148 0.28 8.22 18.97
CA ALA C 148 1.27 8.75 18.02
C ALA C 148 2.35 9.66 18.62
N ILE C 149 1.96 10.71 19.35
CA ILE C 149 2.95 11.69 19.83
CA ILE C 149 2.95 11.69 19.84
C ILE C 149 3.82 11.13 20.99
N ALA C 150 3.18 10.45 21.97
CA ALA C 150 3.95 9.73 23.03
C ALA C 150 4.96 8.75 22.43
N PRO C 151 4.52 7.86 21.48
CA PRO C 151 5.49 6.95 20.83
C PRO C 151 6.64 7.69 20.25
N TYR C 152 6.35 8.82 19.57
CA TYR C 152 7.41 9.65 18.98
C TYR C 152 8.43 10.07 20.03
N PHE C 153 7.96 10.64 21.15
CA PHE C 153 8.86 11.08 22.24
C PHE C 153 9.59 9.94 22.93
N LEU C 154 8.90 8.80 23.08
CA LEU C 154 9.46 7.59 23.64
C LEU C 154 10.57 7.13 22.77
N ILE C 155 10.33 7.08 21.46
CA ILE C 155 11.37 6.71 20.46
C ILE C 155 12.55 7.68 20.55
N LYS C 156 12.26 8.96 20.61
CA LYS C 156 13.32 9.96 20.69
C LYS C 156 14.19 9.70 21.93
N ALA C 157 13.54 9.51 23.08
CA ALA C 157 14.23 9.29 24.33
C ALA C 157 15.00 7.99 24.27
N PHE C 158 14.36 6.95 23.76
CA PHE C 158 15.06 5.67 23.67
C PHE C 158 16.34 5.77 22.79
N ALA C 159 16.27 6.51 21.67
CA ALA C 159 17.41 6.65 20.77
C ALA C 159 18.51 7.52 21.38
N HIS C 160 18.16 8.60 22.08
CA HIS C 160 19.13 9.48 22.73
C HIS C 160 19.99 8.70 23.72
N ARG C 161 19.36 7.82 24.49
CA ARG C 161 20.07 7.00 25.46
C ARG C 161 21.09 6.15 24.72
N VAL C 162 20.62 5.40 23.72
CA VAL C 162 21.50 4.56 22.92
C VAL C 162 22.65 5.41 22.36
N ALA C 163 22.36 6.56 21.72
CA ALA C 163 23.41 7.46 21.23
C ALA C 163 24.40 7.90 22.35
N GLY C 164 23.89 8.21 23.55
CA GLY C 164 24.71 8.58 24.74
C GLY C 164 25.43 7.45 25.47
N THR C 165 25.15 6.20 25.10
CA THR C 165 25.89 5.04 25.60
C THR C 165 27.13 4.85 24.68
N PRO C 166 28.35 4.79 25.25
CA PRO C 166 29.52 4.55 24.38
C PRO C 166 29.39 3.19 23.70
N ALA C 167 29.76 3.13 22.43
CA ALA C 167 29.48 1.99 21.52
C ALA C 167 29.76 0.60 22.16
N LYS C 168 30.92 0.48 22.84
CA LYS C 168 31.38 -0.79 23.41
C LYS C 168 30.46 -1.29 24.53
N HIS C 169 29.61 -0.43 25.08
CA HIS C 169 28.68 -0.83 26.14
C HIS C 169 27.23 -1.07 25.67
N ARG C 170 26.96 -0.73 24.42
CA ARG C 170 25.63 -0.88 23.80
C ARG C 170 25.23 -2.37 23.74
N GLY C 171 23.96 -2.67 24.07
CA GLY C 171 23.32 -3.99 23.79
C GLY C 171 23.45 -4.38 22.32
N THR C 172 23.23 -5.65 22.03
CA THR C 172 23.41 -6.13 20.65
C THR C 172 22.10 -6.33 19.89
N ASN C 173 20.98 -5.92 20.48
CA ASN C 173 19.67 -6.18 19.86
C ASN C 173 18.58 -5.18 20.28
N TYR C 174 18.75 -3.95 19.83
CA TYR C 174 17.76 -2.93 20.09
C TYR C 174 16.56 -3.13 19.16
N SER C 175 15.35 -2.99 19.72
CA SER C 175 14.14 -3.27 18.96
C SER C 175 12.98 -2.44 19.45
N ILE C 176 12.31 -1.72 18.54
CA ILE C 176 11.09 -0.92 18.87
C ILE C 176 9.89 -1.47 18.08
N ILE C 177 8.80 -1.76 18.78
CA ILE C 177 7.60 -2.25 18.12
C ILE C 177 6.51 -1.26 18.41
N ASN C 178 5.81 -0.87 17.33
CA ASN C 178 4.62 -0.02 17.42
C ASN C 178 3.44 -0.89 17.11
N MET C 179 2.47 -0.90 18.00
CA MET C 179 1.21 -1.60 17.80
C MET C 179 0.29 -0.66 16.99
N VAL C 180 0.11 -1.01 15.72
CA VAL C 180 -0.72 -0.29 14.80
C VAL C 180 -1.94 -1.17 14.61
N ASP C 181 -2.68 -1.03 13.50
CA ASP C 181 -3.97 -1.73 13.35
C ASP C 181 -4.03 -2.28 11.94
N ALA C 182 -4.29 -3.58 11.81
CA ALA C 182 -4.45 -4.14 10.47
C ALA C 182 -5.57 -3.44 9.63
N MET C 183 -6.53 -2.79 10.28
CA MET C 183 -7.81 -2.55 9.63
C MET C 183 -8.03 -1.08 9.33
N THR C 184 -7.03 -0.24 9.62
CA THR C 184 -7.31 1.24 9.49
C THR C 184 -7.36 1.76 8.02
N ASN C 185 -6.89 0.96 7.05
CA ASN C 185 -7.15 1.24 5.63
C ASN C 185 -8.56 0.98 5.18
N GLN C 186 -9.28 0.21 5.98
CA GLN C 186 -10.72 0.06 5.88
C GLN C 186 -11.32 0.64 7.15
N PRO C 187 -11.48 1.96 7.19
CA PRO C 187 -11.67 2.61 8.48
C PRO C 187 -12.95 2.29 9.17
N LEU C 188 -12.88 2.30 10.48
CA LEU C 188 -14.04 2.08 11.28
C LEU C 188 -14.86 3.36 11.33
N LEU C 189 -16.10 3.25 10.89
CA LEU C 189 -16.97 4.42 10.84
C LEU C 189 -16.97 5.21 12.15
N GLY C 190 -16.69 6.51 12.13
CA GLY C 190 -16.87 7.33 13.34
C GLY C 190 -15.61 7.48 14.22
N TYR C 191 -14.50 6.91 13.79
CA TYR C 191 -13.26 6.85 14.58
C TYR C 191 -12.07 7.59 13.87
N THR C 192 -12.37 8.74 13.26
CA THR C 192 -11.39 9.46 12.46
C THR C 192 -10.06 9.82 13.20
N ILE C 193 -10.12 10.34 14.41
CA ILE C 193 -8.88 10.74 15.07
CA ILE C 193 -8.89 10.74 15.07
C ILE C 193 -8.06 9.49 15.37
N TYR C 194 -8.73 8.40 15.79
CA TYR C 194 -8.02 7.16 16.06
C TYR C 194 -7.28 6.71 14.78
N THR C 195 -8.02 6.58 13.68
CA THR C 195 -7.51 6.14 12.40
C THR C 195 -6.39 7.06 12.00
N MET C 196 -6.55 8.35 12.28
CA MET C 196 -5.52 9.33 11.87
C MET C 196 -4.26 9.07 12.71
N ALA C 197 -4.41 8.90 14.04
CA ALA C 197 -3.29 8.59 14.91
C ALA C 197 -2.54 7.30 14.50
N LYS C 198 -3.30 6.29 14.07
CA LYS C 198 -2.64 5.04 13.67
C LYS C 198 -1.82 5.25 12.40
N GLY C 199 -2.35 6.10 11.54
CA GLY C 199 -1.65 6.51 10.36
C GLY C 199 -0.35 7.24 10.65
N ALA C 200 -0.33 8.11 11.67
CA ALA C 200 0.90 8.80 12.07
C ALA C 200 1.85 7.78 12.63
N LEU C 201 1.32 6.84 13.42
CA LEU C 201 2.17 5.81 14.03
C LEU C 201 2.87 4.94 12.95
N GLU C 202 2.17 4.60 11.87
CA GLU C 202 2.82 3.94 10.72
C GLU C 202 3.97 4.79 10.11
N GLY C 203 3.73 6.09 10.03
CA GLY C 203 4.76 7.04 9.63
C GLY C 203 5.98 7.01 10.52
N LEU C 204 5.72 6.95 11.84
CA LEU C 204 6.77 6.83 12.82
C LEU C 204 7.61 5.57 12.62
N THR C 205 6.97 4.41 12.42
CA THR C 205 7.70 3.18 12.11
C THR C 205 8.71 3.37 10.94
N ARG C 206 8.18 3.82 9.80
CA ARG C 206 8.98 4.02 8.59
C ARG C 206 10.09 5.04 8.78
N SER C 207 9.75 6.18 9.37
CA SER C 207 10.73 7.23 9.58
C SER C 207 11.80 6.85 10.62
N ALA C 208 11.38 6.41 11.81
CA ALA C 208 12.40 6.01 12.81
C ALA C 208 13.26 4.80 12.34
N ALA C 209 12.67 3.86 11.59
CA ALA C 209 13.50 2.75 11.12
C ALA C 209 14.68 3.25 10.28
N LEU C 210 14.42 4.23 9.40
CA LEU C 210 15.40 4.77 8.50
C LEU C 210 16.42 5.58 9.31
N GLU C 211 15.94 6.47 10.17
CA GLU C 211 16.84 7.34 10.88
C GLU C 211 17.67 6.58 11.97
N LEU C 212 17.11 5.52 12.58
CA LEU C 212 17.83 4.84 13.67
C LEU C 212 18.59 3.64 13.20
N ALA C 213 18.48 3.33 11.89
CA ALA C 213 19.25 2.24 11.31
C ALA C 213 20.79 2.32 11.65
N PRO C 214 21.44 3.51 11.54
CA PRO C 214 22.85 3.60 11.91
C PRO C 214 23.16 3.20 13.35
N LEU C 215 22.22 3.36 14.28
CA LEU C 215 22.45 2.88 15.64
C LEU C 215 22.09 1.41 15.82
N GLN C 216 21.84 0.70 14.72
CA GLN C 216 21.30 -0.65 14.77
C GLN C 216 20.03 -0.83 15.61
N ILE C 217 19.18 0.21 15.65
CA ILE C 217 17.88 0.20 16.35
C ILE C 217 16.78 -0.13 15.31
N ARG C 218 16.24 -1.34 15.37
CA ARG C 218 15.18 -1.75 14.44
C ARG C 218 13.81 -1.22 14.89
N VAL C 219 12.98 -0.79 13.94
CA VAL C 219 11.62 -0.29 14.31
C VAL C 219 10.60 -0.97 13.42
N ASN C 220 9.67 -1.68 14.07
CA ASN C 220 8.62 -2.40 13.33
C ASN C 220 7.25 -2.19 13.92
N GLY C 221 6.21 -2.45 13.10
CA GLY C 221 4.80 -2.39 13.47
C GLY C 221 4.21 -3.80 13.50
N VAL C 222 3.26 -3.99 14.41
CA VAL C 222 2.47 -5.18 14.48
C VAL C 222 1.05 -4.69 14.50
N GLY C 223 0.24 -5.20 13.57
CA GLY C 223 -1.13 -4.70 13.40
C GLY C 223 -2.18 -5.77 13.68
N PRO C 224 -2.75 -5.78 14.90
CA PRO C 224 -3.82 -6.73 15.15
C PRO C 224 -5.11 -6.40 14.36
N GLY C 225 -6.00 -7.39 14.22
CA GLY C 225 -7.29 -7.18 13.55
C GLY C 225 -8.38 -7.08 14.59
N LEU C 226 -8.93 -8.24 14.97
CA LEU C 226 -9.88 -8.34 16.08
C LEU C 226 -9.17 -9.22 17.04
N SER C 227 -8.81 -8.64 18.17
CA SER C 227 -8.06 -9.33 19.22
CA SER C 227 -8.09 -9.36 19.20
C SER C 227 -8.74 -9.10 20.56
N VAL C 228 -9.05 -10.21 21.26
CA VAL C 228 -9.77 -10.20 22.55
CA VAL C 228 -9.74 -10.18 22.58
C VAL C 228 -10.92 -9.18 22.57
N LEU C 229 -11.86 -9.37 21.66
CA LEU C 229 -12.94 -8.39 21.43
C LEU C 229 -13.88 -8.33 22.64
N VAL C 230 -13.96 -7.13 23.24
CA VAL C 230 -14.87 -6.80 24.37
C VAL C 230 -16.33 -7.08 23.93
N ASP C 231 -17.07 -7.83 24.77
CA ASP C 231 -18.50 -8.23 24.51
C ASP C 231 -19.57 -7.35 25.23
N ASP C 232 -19.62 -6.06 24.85
CA ASP C 232 -20.62 -5.08 25.37
C ASP C 232 -21.63 -4.59 24.30
N MET C 233 -22.08 -5.54 23.49
CA MET C 233 -23.16 -5.37 22.53
C MET C 233 -23.91 -6.70 22.80
N PRO C 234 -25.11 -6.89 22.18
CA PRO C 234 -25.80 -8.22 22.25
C PRO C 234 -24.98 -9.38 21.62
N PRO C 235 -25.12 -10.63 22.16
CA PRO C 235 -24.31 -11.75 21.64
C PRO C 235 -24.21 -11.87 20.10
N ALA C 236 -25.34 -11.70 19.39
CA ALA C 236 -25.40 -11.68 17.90
C ALA C 236 -24.47 -10.66 17.25
N VAL C 237 -24.28 -9.51 17.88
CA VAL C 237 -23.32 -8.49 17.43
C VAL C 237 -21.85 -8.95 17.58
N TRP C 238 -21.51 -9.50 18.76
CA TRP C 238 -20.18 -10.04 19.05
C TRP C 238 -19.85 -11.18 18.09
N GLU C 239 -20.76 -12.17 18.02
CA GLU C 239 -20.64 -13.37 17.16
C GLU C 239 -20.67 -12.99 15.65
N GLY C 240 -21.38 -11.88 15.34
CA GLY C 240 -21.49 -11.33 13.97
C GLY C 240 -20.16 -10.79 13.48
N HIS C 241 -19.57 -9.88 14.28
CA HIS C 241 -18.20 -9.41 14.12
C HIS C 241 -17.12 -10.48 13.91
N ARG C 242 -16.98 -11.34 14.90
CA ARG C 242 -16.06 -12.44 14.88
C ARG C 242 -16.20 -13.34 13.66
N SER C 243 -17.45 -13.67 13.28
CA SER C 243 -17.74 -14.52 12.14
C SER C 243 -17.17 -14.01 10.79
N LYS C 244 -16.93 -12.70 10.70
CA LYS C 244 -16.37 -12.09 9.51
C LYS C 244 -14.87 -12.38 9.33
N VAL C 245 -14.16 -12.80 10.40
CA VAL C 245 -12.74 -13.12 10.28
C VAL C 245 -12.57 -14.43 9.43
N PRO C 246 -11.91 -14.34 8.24
CA PRO C 246 -11.87 -15.58 7.40
C PRO C 246 -11.20 -16.78 8.09
N LEU C 247 -10.11 -16.52 8.79
CA LEU C 247 -9.37 -17.60 9.44
C LEU C 247 -9.93 -17.82 10.86
N TYR C 248 -10.57 -18.99 11.06
CA TYR C 248 -11.20 -19.40 12.33
C TYR C 248 -12.53 -18.78 12.72
N GLN C 249 -12.96 -17.69 12.04
CA GLN C 249 -14.22 -16.97 12.36
C GLN C 249 -14.27 -16.57 13.81
N ARG C 250 -13.11 -16.13 14.30
CA ARG C 250 -12.95 -15.62 15.65
C ARG C 250 -11.88 -14.50 15.72
N ASP C 251 -11.98 -13.70 16.78
CA ASP C 251 -10.94 -12.78 17.16
C ASP C 251 -9.73 -13.56 17.69
N SER C 252 -8.60 -12.91 17.78
CA SER C 252 -7.38 -13.64 18.24
C SER C 252 -7.27 -13.64 19.77
N SER C 253 -6.46 -14.56 20.31
CA SER C 253 -6.03 -14.50 21.73
C SER C 253 -4.98 -13.36 21.77
N ALA C 254 -4.69 -12.83 22.96
CA ALA C 254 -3.57 -11.90 23.21
C ALA C 254 -2.22 -12.52 22.79
N ALA C 255 -1.98 -13.78 23.18
CA ALA C 255 -0.78 -14.49 22.80
C ALA C 255 -0.55 -14.57 21.28
N GLU C 256 -1.64 -14.67 20.51
CA GLU C 256 -1.52 -14.82 19.05
C GLU C 256 -0.93 -13.55 18.41
N VAL C 257 -1.11 -12.41 19.09
CA VAL C 257 -0.43 -11.19 18.73
C VAL C 257 0.94 -11.10 19.41
N SER C 258 0.99 -11.27 20.74
CA SER C 258 2.23 -11.04 21.47
C SER C 258 3.42 -11.93 21.02
N ASP C 259 3.13 -13.14 20.57
CA ASP C 259 4.18 -14.04 20.10
C ASP C 259 4.92 -13.43 18.89
N VAL C 260 4.18 -12.68 18.08
CA VAL C 260 4.70 -12.02 16.89
C VAL C 260 5.58 -10.86 17.36
N VAL C 261 5.10 -10.10 18.34
CA VAL C 261 5.91 -9.04 18.93
C VAL C 261 7.26 -9.61 19.40
N ILE C 262 7.18 -10.70 20.19
CA ILE C 262 8.38 -11.35 20.72
C ILE C 262 9.34 -11.82 19.63
N PHE C 263 8.79 -12.31 18.55
CA PHE C 263 9.65 -12.79 17.48
C PHE C 263 10.40 -11.64 16.82
N LEU C 264 9.70 -10.53 16.59
CA LEU C 264 10.31 -9.35 15.97
C LEU C 264 11.39 -8.71 16.87
N CYS C 265 11.28 -8.93 18.17
CA CYS C 265 12.30 -8.44 19.10
C CYS C 265 13.46 -9.39 19.20
N SER C 266 13.26 -10.65 18.79
CA SER C 266 14.31 -11.68 18.96
C SER C 266 15.47 -11.48 17.99
N SER C 267 16.65 -11.98 18.34
CA SER C 267 17.78 -11.87 17.42
C SER C 267 17.60 -12.55 16.05
N LYS C 268 16.58 -13.40 15.87
CA LYS C 268 16.35 -14.00 14.57
C LYS C 268 15.73 -13.04 13.61
N ALA C 269 15.15 -11.97 14.12
CA ALA C 269 14.53 -10.92 13.28
C ALA C 269 15.50 -9.74 12.99
N LYS C 270 16.81 -9.96 13.08
CA LYS C 270 17.75 -8.82 13.18
C LYS C 270 17.91 -8.05 11.83
N TYR C 271 17.35 -8.56 10.74
CA TYR C 271 17.41 -7.85 9.44
C TYR C 271 16.04 -7.22 9.07
N ILE C 272 15.05 -7.36 9.96
CA ILE C 272 13.72 -6.81 9.68
C ILE C 272 13.61 -5.46 10.34
N THR C 273 13.45 -4.42 9.53
CA THR C 273 13.19 -3.11 10.08
C THR C 273 12.30 -2.32 9.11
N GLY C 274 11.48 -1.44 9.69
CA GLY C 274 10.58 -0.55 8.96
C GLY C 274 9.40 -1.22 8.33
N THR C 275 9.08 -2.43 8.79
CA THR C 275 7.99 -3.19 8.18
C THR C 275 6.83 -3.36 9.19
N VAL C 277 3.79 -6.02 10.35
CA VAL C 277 3.24 -7.39 10.27
C VAL C 277 1.79 -7.40 10.78
N LYS C 278 0.82 -7.75 9.90
CA LYS C 278 -0.63 -7.87 10.26
C LYS C 278 -0.86 -9.19 10.92
N VAL C 279 -1.56 -9.14 12.06
CA VAL C 279 -1.93 -10.36 12.75
C VAL C 279 -3.48 -10.32 12.87
N ASP C 280 -4.18 -10.71 11.79
CA ASP C 280 -5.61 -10.40 11.63
C ASP C 280 -6.47 -11.53 11.07
N GLY C 281 -5.87 -12.70 10.88
CA GLY C 281 -6.62 -13.89 10.42
C GLY C 281 -7.32 -13.64 9.09
N GLY C 282 -6.76 -12.77 8.26
CA GLY C 282 -7.31 -12.50 6.92
C GLY C 282 -8.37 -11.41 6.88
N TYR C 283 -8.69 -10.79 8.03
CA TYR C 283 -9.80 -9.80 8.10
C TYR C 283 -9.64 -8.64 7.08
N SER C 284 -8.41 -8.16 6.89
CA SER C 284 -8.18 -7.04 6.00
C SER C 284 -8.40 -7.41 4.52
N LEU C 285 -8.48 -8.70 4.21
CA LEU C 285 -8.77 -9.21 2.87
C LEU C 285 -10.25 -9.12 2.47
N THR C 286 -11.11 -8.81 3.42
CA THR C 286 -12.53 -8.84 3.21
C THR C 286 -13.00 -7.50 2.64
N ARG C 287 -14.23 -7.54 2.11
CA ARG C 287 -14.94 -6.37 1.59
C ARG C 287 -16.38 -6.54 2.02
N ALA C 288 -17.09 -5.42 2.16
CA ALA C 288 -18.53 -5.43 2.51
C ALA C 288 -19.35 -6.14 1.42
N THR D 5 -25.67 31.01 -6.29
CA THR D 5 -25.64 30.53 -7.72
C THR D 5 -24.25 30.02 -8.20
N VAL D 6 -23.17 30.71 -7.81
CA VAL D 6 -21.78 30.32 -8.19
C VAL D 6 -21.09 29.42 -7.11
N PRO D 7 -20.43 28.28 -7.50
CA PRO D 7 -19.82 27.43 -6.41
C PRO D 7 -18.59 28.06 -5.71
N VAL D 8 -18.39 27.65 -4.44
CA VAL D 8 -17.36 28.19 -3.52
C VAL D 8 -16.25 27.18 -3.10
N ALA D 9 -14.98 27.62 -3.22
CA ALA D 9 -13.85 26.78 -2.78
C ALA D 9 -13.11 27.44 -1.63
N LEU D 10 -12.89 26.72 -0.55
CA LEU D 10 -11.98 27.22 0.48
C LEU D 10 -10.59 26.57 0.27
N VAL D 11 -9.53 27.36 0.06
CA VAL D 11 -8.15 26.84 -0.15
C VAL D 11 -7.27 27.28 0.99
N THR D 12 -6.70 26.35 1.75
CA THR D 12 -5.78 26.80 2.77
C THR D 12 -4.38 27.02 2.24
N GLY D 13 -3.64 27.98 2.83
CA GLY D 13 -2.29 28.27 2.36
C GLY D 13 -2.32 28.64 0.86
N ALA D 14 -3.23 29.54 0.50
CA ALA D 14 -3.56 29.83 -0.87
C ALA D 14 -2.62 30.87 -1.49
N ALA D 15 -1.73 31.46 -0.65
CA ALA D 15 -1.08 32.70 -1.07
C ALA D 15 -0.05 32.54 -2.21
N LYS D 16 0.70 31.42 -2.16
CA LYS D 16 1.86 31.23 -3.03
C LYS D 16 1.83 29.81 -3.57
N ARG D 17 2.85 29.48 -4.36
CA ARG D 17 3.08 28.12 -4.88
C ARG D 17 1.89 27.27 -5.31
N LEU D 18 1.80 26.04 -4.79
CA LEU D 18 0.69 25.18 -5.24
C LEU D 18 -0.68 25.70 -4.81
N GLY D 19 -0.77 26.28 -3.61
CA GLY D 19 -1.99 26.87 -3.13
C GLY D 19 -2.50 27.93 -4.07
N ARG D 20 -1.63 28.84 -4.51
CA ARG D 20 -2.03 29.89 -5.48
C ARG D 20 -2.59 29.24 -6.78
N SER D 21 -1.90 28.25 -7.28
CA SER D 21 -2.18 27.60 -8.53
C SER D 21 -3.48 26.83 -8.49
N ILE D 22 -3.76 26.20 -7.35
CA ILE D 22 -5.05 25.55 -7.11
C ILE D 22 -6.19 26.58 -7.08
N ALA D 23 -5.98 27.63 -6.28
CA ALA D 23 -6.91 28.78 -6.21
C ALA D 23 -7.20 29.36 -7.61
N GLU D 24 -6.16 29.53 -8.43
CA GLU D 24 -6.32 30.01 -9.80
C GLU D 24 -7.06 29.01 -10.69
N GLY D 25 -6.75 27.72 -10.57
CA GLY D 25 -7.38 26.71 -11.44
C GLY D 25 -8.87 26.57 -11.17
N LEU D 26 -9.19 26.64 -9.88
CA LEU D 26 -10.60 26.59 -9.49
C LEU D 26 -11.29 27.85 -9.94
N HIS D 27 -10.64 28.99 -9.73
CA HIS D 27 -11.17 30.27 -10.13
C HIS D 27 -11.44 30.21 -11.61
N ALA D 28 -10.51 29.66 -12.40
CA ALA D 28 -10.68 29.64 -13.87
C ALA D 28 -11.87 28.78 -14.29
N GLU D 29 -12.29 27.82 -13.44
CA GLU D 29 -13.46 26.98 -13.74
C GLU D 29 -14.75 27.65 -13.24
N GLY D 30 -14.68 28.90 -12.78
CA GLY D 30 -15.90 29.56 -12.30
C GLY D 30 -16.18 29.51 -10.80
N TYR D 31 -15.33 28.85 -10.01
CA TYR D 31 -15.44 29.01 -8.53
C TYR D 31 -15.06 30.42 -8.04
N ALA D 32 -15.78 30.85 -7.02
CA ALA D 32 -15.35 31.91 -6.17
C ALA D 32 -14.46 31.22 -5.14
N VAL D 33 -13.37 31.89 -4.77
CA VAL D 33 -12.35 31.25 -3.92
CA VAL D 33 -12.37 31.24 -3.91
C VAL D 33 -12.11 32.04 -2.65
N CYS D 34 -12.22 31.37 -1.50
CA CYS D 34 -11.83 31.97 -0.24
C CYS D 34 -10.36 31.61 0.02
N LEU D 35 -9.51 32.65 0.05
CA LEU D 35 -8.05 32.53 0.08
C LEU D 35 -7.51 32.55 1.50
N HIS D 36 -7.19 31.40 2.06
CA HIS D 36 -6.73 31.41 3.43
C HIS D 36 -5.21 31.66 3.46
N TYR D 37 -4.73 32.39 4.47
CA TYR D 37 -3.27 32.57 4.61
C TYR D 37 -2.92 32.75 6.07
N HIS D 38 -1.63 32.56 6.40
CA HIS D 38 -1.15 32.74 7.74
C HIS D 38 -0.20 33.97 7.79
N ARG D 39 1.00 33.81 7.26
CA ARG D 39 1.98 34.88 7.22
C ARG D 39 1.77 35.78 5.99
N SER D 40 1.55 35.18 4.83
CA SER D 40 1.74 35.81 3.54
CA SER D 40 1.74 35.84 3.55
C SER D 40 0.54 36.70 3.13
N ALA D 41 0.31 37.73 3.94
CA ALA D 41 -0.83 38.68 3.73
C ALA D 41 -0.71 39.39 2.43
N ALA D 42 0.49 39.86 2.07
CA ALA D 42 0.67 40.65 0.87
C ALA D 42 0.41 39.81 -0.38
N GLU D 43 0.88 38.55 -0.36
CA GLU D 43 0.74 37.72 -1.55
C GLU D 43 -0.72 37.29 -1.72
N ALA D 44 -1.40 37.00 -0.61
CA ALA D 44 -2.82 36.67 -0.62
C ALA D 44 -3.69 37.83 -1.14
N ASN D 45 -3.42 39.05 -0.70
CA ASN D 45 -4.24 40.21 -1.14
C ASN D 45 -4.02 40.57 -2.62
N ALA D 46 -2.78 40.42 -3.07
CA ALA D 46 -2.42 40.57 -4.47
C ALA D 46 -3.16 39.54 -5.31
N LEU D 47 -3.18 38.28 -4.85
CA LEU D 47 -3.88 37.26 -5.59
C LEU D 47 -5.41 37.53 -5.59
N SER D 48 -5.99 37.81 -4.43
CA SER D 48 -7.37 38.29 -4.38
C SER D 48 -7.71 39.43 -5.36
N ALA D 49 -6.82 40.43 -5.41
CA ALA D 49 -7.00 41.57 -6.30
C ALA D 49 -7.03 41.13 -7.74
N THR D 50 -6.13 40.23 -8.12
CA THR D 50 -6.07 39.74 -9.49
C THR D 50 -7.35 39.02 -9.89
N LEU D 51 -7.83 38.13 -9.01
CA LEU D 51 -9.04 37.39 -9.28
C LEU D 51 -10.31 38.24 -9.29
N ASN D 52 -10.42 39.19 -8.37
CA ASN D 52 -11.55 40.12 -8.34
C ASN D 52 -11.59 41.06 -9.54
N ALA D 53 -10.42 41.49 -10.01
CA ALA D 53 -10.33 42.25 -11.32
C ALA D 53 -10.84 41.42 -12.51
N ARG D 54 -10.56 40.11 -12.50
CA ARG D 54 -11.01 39.21 -13.56
C ARG D 54 -12.50 38.97 -13.51
N ARG D 55 -13.04 38.86 -12.27
CA ARG D 55 -14.45 38.58 -12.06
C ARG D 55 -14.82 39.20 -10.72
N PRO D 56 -15.65 40.29 -10.71
CA PRO D 56 -15.88 40.95 -9.41
C PRO D 56 -16.42 40.02 -8.36
N ASN D 57 -16.03 40.26 -7.12
CA ASN D 57 -16.55 39.47 -5.99
C ASN D 57 -16.38 37.92 -6.15
N SER D 58 -15.27 37.51 -6.77
CA SER D 58 -14.90 36.09 -6.91
CA SER D 58 -14.87 36.10 -6.92
C SER D 58 -13.79 35.62 -5.94
N ALA D 59 -13.29 36.52 -5.07
CA ALA D 59 -12.31 36.11 -4.06
C ALA D 59 -12.39 36.94 -2.81
N ILE D 60 -12.12 36.30 -1.66
CA ILE D 60 -11.86 36.97 -0.37
C ILE D 60 -10.61 36.36 0.27
N THR D 61 -10.00 37.07 1.23
CA THR D 61 -8.93 36.49 2.04
C THR D 61 -9.32 36.34 3.52
N VAL D 62 -8.85 35.27 4.16
CA VAL D 62 -9.02 35.07 5.62
CA VAL D 62 -9.06 35.02 5.60
C VAL D 62 -7.72 34.57 6.20
N GLN D 63 -7.34 35.14 7.34
CA GLN D 63 -6.07 34.85 8.00
C GLN D 63 -6.32 33.81 9.10
N ALA D 64 -5.47 32.77 9.15
CA ALA D 64 -5.51 31.87 10.32
C ALA D 64 -4.30 31.02 10.49
N ASP D 65 -3.80 31.02 11.71
CA ASP D 65 -2.77 30.15 12.13
C ASP D 65 -3.44 28.80 12.38
N LEU D 66 -2.96 27.78 11.67
CA LEU D 66 -3.54 26.43 11.72
C LEU D 66 -2.72 25.51 12.62
N SER D 67 -1.76 26.08 13.38
CA SER D 67 -1.11 25.35 14.45
CA SER D 67 -1.11 25.36 14.47
C SER D 67 -2.11 24.94 15.52
N ASN D 68 -1.86 23.80 16.15
CA ASN D 68 -2.78 23.30 17.16
C ASN D 68 -2.44 24.01 18.47
N VAL D 69 -2.69 25.31 18.50
CA VAL D 69 -2.44 26.18 19.65
C VAL D 69 -3.67 27.09 19.78
N ALA D 70 -4.01 27.45 21.01
CA ALA D 70 -4.99 28.48 21.29
C ALA D 70 -4.40 29.90 21.03
N THR D 71 -5.18 30.85 20.50
CA THR D 71 -4.70 32.22 20.18
C THR D 71 -5.56 33.28 20.94
N ALA D 72 -5.14 34.56 20.86
CA ALA D 72 -5.91 35.84 21.17
C ALA D 72 -7.29 35.81 21.92
N ALA D 81 -11.28 34.88 27.04
CA ALA D 81 -11.37 33.72 26.18
C ALA D 81 -10.11 33.59 25.28
N PRO D 82 -9.35 32.46 25.38
CA PRO D 82 -8.45 32.12 24.26
C PRO D 82 -9.23 31.37 23.15
N VAL D 83 -8.92 31.63 21.87
CA VAL D 83 -9.59 30.98 20.72
C VAL D 83 -8.93 29.65 20.35
N THR D 84 -9.69 28.56 20.33
CA THR D 84 -9.12 27.24 19.93
C THR D 84 -8.84 27.07 18.41
N LEU D 85 -8.09 26.02 18.05
CA LEU D 85 -7.91 25.69 16.66
C LEU D 85 -9.25 25.31 16.01
N PHE D 86 -10.03 24.49 16.68
CA PHE D 86 -11.33 24.10 16.16
C PHE D 86 -12.16 25.34 15.78
N THR D 87 -12.28 26.29 16.69
CA THR D 87 -12.97 27.56 16.42
C THR D 87 -12.45 28.27 15.18
N ARG D 88 -11.13 28.43 15.10
CA ARG D 88 -10.52 29.11 13.97
C ARG D 88 -10.87 28.39 12.66
N CYS D 89 -10.96 27.06 12.69
CA CYS D 89 -11.30 26.27 11.51
C CYS D 89 -12.76 26.43 11.14
N ALA D 90 -13.64 26.37 12.14
CA ALA D 90 -15.08 26.66 11.96
C ALA D 90 -15.29 28.03 11.38
N GLU D 91 -14.50 28.99 11.86
CA GLU D 91 -14.60 30.36 11.38
C GLU D 91 -14.18 30.51 9.90
N LEU D 92 -13.23 29.69 9.45
CA LEU D 92 -12.82 29.69 8.05
C LEU D 92 -13.96 29.25 7.15
N VAL D 93 -14.54 28.11 7.46
CA VAL D 93 -15.69 27.64 6.72
C VAL D 93 -16.81 28.64 6.78
N ALA D 94 -17.08 29.16 7.97
CA ALA D 94 -18.16 30.16 8.16
C ALA D 94 -18.01 31.43 7.34
N ALA D 95 -16.78 31.82 7.03
CA ALA D 95 -16.51 32.98 6.18
C ALA D 95 -17.06 32.73 4.78
N CYS D 96 -17.02 31.49 4.33
CA CYS D 96 -17.56 31.18 3.01
C CYS D 96 -19.08 31.39 2.97
N TYR D 97 -19.77 30.93 3.99
CA TYR D 97 -21.23 30.97 4.08
C TYR D 97 -21.73 32.39 4.36
N THR D 98 -21.05 33.11 5.27
CA THR D 98 -21.27 34.53 5.51
C THR D 98 -21.24 35.35 4.21
N HIS D 99 -20.16 35.25 3.43
CA HIS D 99 -19.97 36.06 2.23
C HIS D 99 -20.75 35.59 1.01
N TRP D 100 -20.77 34.28 0.76
CA TRP D 100 -21.45 33.74 -0.45
C TRP D 100 -22.57 32.70 -0.19
N GLY D 101 -22.78 32.30 1.04
CA GLY D 101 -23.93 31.45 1.26
C GLY D 101 -23.71 29.98 1.00
N ARG D 102 -22.46 29.55 0.85
CA ARG D 102 -22.14 28.18 0.52
C ARG D 102 -20.67 27.90 0.59
N CYS D 103 -20.31 26.62 0.70
CA CYS D 103 -18.92 26.17 0.54
C CYS D 103 -18.90 24.76 -0.10
N ASP D 104 -18.43 24.68 -1.33
CA ASP D 104 -18.57 23.46 -2.13
C ASP D 104 -17.33 22.59 -2.14
N VAL D 105 -16.17 23.25 -2.08
CA VAL D 105 -14.90 22.58 -2.23
C VAL D 105 -14.01 23.03 -1.12
N LEU D 106 -13.32 22.09 -0.46
CA LEU D 106 -12.31 22.42 0.52
C LEU D 106 -11.01 21.78 0.10
N VAL D 107 -9.94 22.59 0.03
CA VAL D 107 -8.59 22.09 -0.29
C VAL D 107 -7.64 22.35 0.90
N ASN D 108 -7.25 21.27 1.56
CA ASN D 108 -6.41 21.32 2.73
C ASN D 108 -5.04 21.27 2.19
N ASN D 109 -4.54 22.46 1.83
CA ASN D 109 -3.23 22.63 1.18
C ASN D 109 -2.17 23.17 2.15
N ALA D 110 -2.57 23.93 3.19
CA ALA D 110 -1.56 24.60 4.07
C ALA D 110 -0.72 23.54 4.72
N SER D 111 0.54 23.85 4.99
CA SER D 111 1.41 22.81 5.48
C SER D 111 2.74 23.35 5.89
N SER D 112 3.12 23.08 7.14
CA SER D 112 4.48 23.34 7.59
CA SER D 112 4.49 23.37 7.55
C SER D 112 5.44 22.17 7.23
N PHE D 113 6.71 22.47 7.00
CA PHE D 113 7.65 21.43 6.60
C PHE D 113 9.07 21.79 7.03
N TYR D 114 9.62 21.07 8.02
CA TYR D 114 11.01 21.28 8.49
C TYR D 114 11.42 20.14 9.37
N PRO D 115 12.76 19.95 9.53
CA PRO D 115 13.29 18.79 10.24
C PRO D 115 12.82 18.67 11.68
N THR D 116 12.47 17.46 12.11
CA THR D 116 12.43 17.13 13.54
C THR D 116 13.29 15.88 13.79
N PRO D 117 14.64 16.06 13.82
CA PRO D 117 15.57 14.92 13.90
C PRO D 117 15.36 14.15 15.23
N LEU D 118 15.56 12.83 15.19
CA LEU D 118 15.39 12.00 16.37
C LEU D 118 16.69 11.94 17.15
N LEU D 119 17.79 12.25 16.47
CA LEU D 119 19.19 12.24 16.95
C LEU D 119 19.80 13.65 16.93
N ARG D 120 20.23 14.12 18.13
CA ARG D 120 20.82 15.44 18.36
C ARG D 120 22.31 15.38 18.09
N ARG D 133 14.19 23.58 23.13
CA ARG D 133 13.38 23.81 24.33
C ARG D 133 11.85 23.94 24.02
N GLU D 134 11.32 25.17 23.99
CA GLU D 134 9.95 25.48 23.47
C GLU D 134 9.83 25.44 21.93
N ALA D 135 10.95 25.25 21.23
CA ALA D 135 10.97 24.95 19.78
C ALA D 135 10.48 23.52 19.50
N MET D 136 10.59 22.63 20.50
CA MET D 136 10.04 21.26 20.46
C MET D 136 8.50 21.26 20.51
N GLU D 137 7.93 21.90 21.52
CA GLU D 137 6.49 21.89 21.67
C GLU D 137 5.83 22.71 20.53
N THR D 138 6.47 23.80 20.09
CA THR D 138 5.88 24.56 18.96
C THR D 138 5.98 23.81 17.63
N ALA D 139 7.02 22.98 17.46
CA ALA D 139 7.11 22.13 16.28
C ALA D 139 5.96 21.09 16.12
N THR D 140 5.72 20.29 17.16
CA THR D 140 4.65 19.33 17.16
C THR D 140 3.32 19.97 16.84
N ALA D 141 3.03 21.09 17.50
CA ALA D 141 1.73 21.71 17.32
C ALA D 141 1.60 22.30 15.90
N ASP D 142 2.71 22.83 15.38
CA ASP D 142 2.72 23.49 14.08
C ASP D 142 2.61 22.45 12.99
N LEU D 143 3.48 21.44 13.06
CA LEU D 143 3.51 20.42 12.01
C LEU D 143 2.25 19.54 12.08
N PHE D 144 1.80 19.16 13.29
CA PHE D 144 0.56 18.42 13.38
C PHE D 144 -0.69 19.20 13.11
N GLY D 145 -0.72 20.47 13.54
CA GLY D 145 -1.90 21.29 13.37
C GLY D 145 -2.19 21.49 11.89
N SER D 146 -1.16 21.90 11.13
CA SER D 146 -1.36 22.38 9.78
C SER D 146 -1.59 21.21 8.84
N ASN D 147 -0.87 20.13 9.05
CA ASN D 147 -0.90 19.00 8.16
C ASN D 147 -2.03 18.05 8.49
N ALA D 148 -2.47 17.98 9.74
CA ALA D 148 -3.41 16.91 10.13
C ALA D 148 -4.60 17.37 10.93
N ILE D 149 -4.32 17.96 12.10
CA ILE D 149 -5.44 18.38 13.02
C ILE D 149 -6.39 19.46 12.47
N ALA D 150 -5.85 20.57 11.95
CA ALA D 150 -6.67 21.59 11.30
C ALA D 150 -7.45 20.98 10.10
N PRO D 151 -6.79 20.11 9.27
CA PRO D 151 -7.64 19.47 8.22
C PRO D 151 -8.81 18.72 8.76
N TYR D 152 -8.60 18.01 9.87
CA TYR D 152 -9.72 17.31 10.54
C TYR D 152 -10.85 18.26 10.92
N PHE D 153 -10.49 19.33 11.63
CA PHE D 153 -11.47 20.38 12.06
C PHE D 153 -12.16 21.09 10.88
N LEU D 154 -11.39 21.36 9.82
CA LEU D 154 -11.95 21.90 8.62
C LEU D 154 -12.98 20.96 8.01
N ILE D 155 -12.61 19.72 7.74
CA ILE D 155 -13.56 18.70 7.19
C ILE D 155 -14.85 18.60 8.04
N LYS D 156 -14.69 18.51 9.37
CA LYS D 156 -15.80 18.43 10.29
C LYS D 156 -16.74 19.63 10.15
N ALA D 157 -16.16 20.83 10.14
CA ALA D 157 -16.94 22.05 10.07
C ALA D 157 -17.66 22.10 8.68
N PHE D 158 -16.93 21.71 7.64
CA PHE D 158 -17.44 21.71 6.26
C PHE D 158 -18.63 20.74 6.25
N ALA D 159 -18.50 19.59 6.90
CA ALA D 159 -19.55 18.60 6.88
C ALA D 159 -20.77 19.01 7.71
N HIS D 160 -20.54 19.67 8.85
CA HIS D 160 -21.64 20.14 9.68
C HIS D 160 -22.54 21.08 8.87
N ARG D 161 -21.90 22.00 8.14
CA ARG D 161 -22.60 22.95 7.30
C ARG D 161 -23.43 22.19 6.29
N VAL D 162 -22.80 21.28 5.55
CA VAL D 162 -23.59 20.49 4.57
C VAL D 162 -24.80 19.78 5.23
N ALA D 163 -24.55 19.12 6.36
CA ALA D 163 -25.59 18.41 7.12
C ALA D 163 -26.74 19.35 7.45
N GLY D 164 -26.40 20.56 7.92
CA GLY D 164 -27.36 21.61 8.28
C GLY D 164 -28.08 22.28 7.11
N THR D 165 -27.74 21.93 5.86
CA THR D 165 -28.37 22.56 4.71
C THR D 165 -29.53 21.67 4.30
N PRO D 166 -30.75 22.23 4.20
CA PRO D 166 -31.89 21.41 3.68
C PRO D 166 -31.49 20.83 2.33
N ALA D 167 -31.81 19.57 2.12
CA ALA D 167 -31.38 18.83 0.95
C ALA D 167 -31.70 19.56 -0.38
N LYS D 168 -32.80 20.30 -0.37
CA LYS D 168 -33.21 21.04 -1.54
C LYS D 168 -32.30 22.20 -1.89
N HIS D 169 -31.51 22.63 -0.92
CA HIS D 169 -30.54 23.72 -1.14
C HIS D 169 -29.10 23.28 -1.20
N ARG D 170 -28.84 21.98 -1.17
CA ARG D 170 -27.45 21.51 -1.15
C ARG D 170 -26.74 21.73 -2.49
N GLY D 171 -25.43 21.99 -2.45
CA GLY D 171 -24.63 21.99 -3.70
C GLY D 171 -24.71 20.59 -4.32
N THR D 172 -24.30 20.46 -5.57
CA THR D 172 -24.47 19.15 -6.23
C THR D 172 -23.13 18.51 -6.50
N ASN D 173 -22.05 19.11 -6.01
CA ASN D 173 -20.72 18.53 -6.22
C ASN D 173 -19.76 18.90 -5.09
N TYR D 174 -19.95 18.28 -3.95
CA TYR D 174 -19.10 18.65 -2.82
C TYR D 174 -17.83 17.85 -2.92
N SER D 175 -16.67 18.52 -2.84
CA SER D 175 -15.41 17.77 -2.97
C SER D 175 -14.33 18.33 -2.02
N ILE D 176 -13.63 17.46 -1.28
CA ILE D 176 -12.55 17.84 -0.39
C ILE D 176 -11.24 17.22 -0.85
N ILE D 177 -10.20 18.02 -0.99
CA ILE D 177 -8.90 17.45 -1.37
C ILE D 177 -7.89 17.68 -0.25
N ASN D 178 -7.15 16.63 0.10
CA ASN D 178 -6.01 16.80 1.02
C ASN D 178 -4.74 16.63 0.21
N MET D 179 -3.84 17.60 0.33
CA MET D 179 -2.49 17.51 -0.28
C MET D 179 -1.60 16.71 0.64
N VAL D 180 -1.31 15.50 0.22
CA VAL D 180 -0.47 14.64 1.00
C VAL D 180 0.84 14.61 0.21
N ASP D 181 1.66 13.60 0.45
CA ASP D 181 3.00 13.57 -0.16
C ASP D 181 3.26 12.21 -0.81
N ALA D 182 3.56 12.22 -2.10
CA ALA D 182 3.92 10.97 -2.79
C ALA D 182 5.09 10.16 -2.15
N MET D 183 5.98 10.84 -1.41
CA MET D 183 7.26 10.30 -1.06
C MET D 183 7.36 9.92 0.43
N THR D 184 6.31 10.14 1.24
CA THR D 184 6.42 9.85 2.70
C THR D 184 6.53 8.35 3.04
N ASN D 185 6.18 7.47 2.10
CA ASN D 185 6.59 6.08 2.29
C ASN D 185 8.07 5.76 2.11
N GLN D 186 8.83 6.67 1.50
CA GLN D 186 10.28 6.64 1.52
C GLN D 186 10.74 7.89 2.25
N PRO D 187 10.70 7.81 3.59
CA PRO D 187 10.70 9.03 4.38
C PRO D 187 11.95 9.86 4.23
N LEU D 188 11.80 11.18 4.31
CA LEU D 188 12.91 12.08 4.18
C LEU D 188 13.60 12.01 5.52
N LEU D 189 14.89 11.73 5.49
CA LEU D 189 15.70 11.69 6.71
C LEU D 189 15.60 12.94 7.60
N GLY D 190 15.28 12.73 8.88
CA GLY D 190 15.10 13.84 9.86
C GLY D 190 13.76 14.60 9.88
N TYR D 191 12.77 14.14 9.10
CA TYR D 191 11.43 14.83 9.02
C TYR D 191 10.26 14.06 9.64
N THR D 192 10.53 13.39 10.77
CA THR D 192 9.56 12.47 11.37
C THR D 192 8.16 13.06 11.65
N ILE D 193 8.05 14.24 12.25
CA ILE D 193 6.76 14.75 12.62
C ILE D 193 5.95 15.03 11.36
N TYR D 194 6.63 15.63 10.36
CA TYR D 194 6.03 15.93 9.08
C TYR D 194 5.47 14.64 8.48
N THR D 195 6.33 13.61 8.42
CA THR D 195 6.01 12.32 7.83
C THR D 195 4.82 11.72 8.55
N MET D 196 4.84 11.77 9.88
CA MET D 196 3.71 11.26 10.66
C MET D 196 2.46 12.09 10.42
N ALA D 197 2.61 13.42 10.37
CA ALA D 197 1.47 14.32 10.09
C ALA D 197 0.80 14.00 8.78
N LYS D 198 1.61 13.78 7.73
CA LYS D 198 1.06 13.35 6.41
C LYS D 198 0.43 11.94 6.41
N GLY D 199 1.04 11.03 7.19
CA GLY D 199 0.44 9.74 7.48
C GLY D 199 -0.98 9.90 8.04
N ALA D 200 -1.13 10.85 8.96
CA ALA D 200 -2.42 11.13 9.60
C ALA D 200 -3.44 11.70 8.59
N LEU D 201 -2.96 12.60 7.72
CA LEU D 201 -3.78 13.20 6.70
C LEU D 201 -4.36 12.12 5.73
N GLU D 202 -3.52 11.15 5.44
CA GLU D 202 -3.91 9.98 4.68
C GLU D 202 -5.05 9.23 5.34
N GLY D 203 -4.97 9.05 6.66
CA GLY D 203 -6.04 8.44 7.40
C GLY D 203 -7.32 9.27 7.28
N LEU D 204 -7.17 10.58 7.51
CA LEU D 204 -8.28 11.48 7.36
C LEU D 204 -9.00 11.25 6.02
N THR D 205 -8.24 11.20 4.91
CA THR D 205 -8.82 11.02 3.57
C THR D 205 -9.76 9.74 3.57
N ARG D 206 -9.22 8.62 4.04
CA ARG D 206 -9.96 7.36 4.08
C ARG D 206 -11.13 7.29 5.07
N SER D 207 -11.00 7.97 6.21
CA SER D 207 -12.08 7.94 7.24
C SER D 207 -13.21 8.89 6.87
N ALA D 208 -12.85 10.08 6.39
CA ALA D 208 -13.85 11.09 5.95
C ALA D 208 -14.57 10.64 4.69
N ALA D 209 -13.86 10.00 3.77
CA ALA D 209 -14.53 9.56 2.55
C ALA D 209 -15.63 8.59 2.90
N LEU D 210 -15.35 7.68 3.86
CA LEU D 210 -16.29 6.71 4.32
C LEU D 210 -17.47 7.40 5.00
N GLU D 211 -17.18 8.17 6.04
CA GLU D 211 -18.27 8.75 6.85
C GLU D 211 -19.16 9.78 6.09
N LEU D 212 -18.55 10.51 5.14
CA LEU D 212 -19.23 11.62 4.44
C LEU D 212 -19.83 11.18 3.11
N ALA D 213 -19.51 9.94 2.68
CA ALA D 213 -20.21 9.35 1.53
C ALA D 213 -21.74 9.51 1.56
N PRO D 214 -22.42 9.31 2.71
CA PRO D 214 -23.93 9.51 2.68
C PRO D 214 -24.40 10.89 2.21
N LEU D 215 -23.52 11.89 2.37
CA LEU D 215 -23.88 13.27 2.06
C LEU D 215 -23.30 13.63 0.71
N GLN D 216 -22.72 12.63 0.02
CA GLN D 216 -22.08 12.83 -1.31
C GLN D 216 -20.94 13.83 -1.24
N ILE D 217 -20.25 13.89 -0.11
CA ILE D 217 -19.09 14.77 -0.03
C ILE D 217 -17.96 13.83 -0.37
N ARG D 218 -17.25 14.06 -1.47
CA ARG D 218 -16.12 13.22 -1.84
C ARG D 218 -14.84 13.73 -1.17
N VAL D 219 -13.96 12.81 -0.79
CA VAL D 219 -12.72 13.19 -0.13
C VAL D 219 -11.59 12.40 -0.75
N ASN D 220 -10.63 13.14 -1.31
CA ASN D 220 -9.48 12.50 -1.93
C ASN D 220 -8.16 13.21 -1.60
N GLY D 221 -7.05 12.52 -1.89
CA GLY D 221 -5.71 13.00 -1.67
C GLY D 221 -5.06 13.26 -3.02
N VAL D 222 -4.20 14.30 -3.05
CA VAL D 222 -3.25 14.46 -4.14
C VAL D 222 -1.87 14.58 -3.52
N GLY D 223 -0.88 13.87 -4.07
CA GLY D 223 0.44 13.72 -3.42
C GLY D 223 1.52 14.12 -4.41
N PRO D 224 2.02 15.39 -4.35
CA PRO D 224 3.15 15.83 -5.17
C PRO D 224 4.42 15.05 -4.76
N GLY D 225 5.38 14.91 -5.68
CA GLY D 225 6.70 14.44 -5.29
C GLY D 225 7.63 15.62 -5.03
N LEU D 226 8.16 16.14 -6.13
CA LEU D 226 8.99 17.32 -6.16
C LEU D 226 8.24 18.29 -7.02
N SER D 227 7.75 19.38 -6.42
CA SER D 227 7.02 20.43 -7.13
CA SER D 227 7.04 20.41 -7.15
C SER D 227 7.54 21.82 -6.78
N VAL D 228 7.80 22.65 -7.81
CA VAL D 228 8.39 23.99 -7.63
CA VAL D 228 8.40 24.00 -7.64
C VAL D 228 9.45 23.98 -6.51
N LEU D 229 10.44 23.10 -6.70
CA LEU D 229 11.53 22.87 -5.75
C LEU D 229 12.30 24.15 -5.38
N VAL D 230 12.23 24.53 -4.10
CA VAL D 230 12.84 25.79 -3.59
C VAL D 230 14.33 25.85 -4.04
N ASP D 231 14.72 27.00 -4.61
CA ASP D 231 16.03 27.23 -5.26
C ASP D 231 17.22 27.59 -4.28
N ASP D 232 17.06 27.30 -2.98
CA ASP D 232 17.86 27.87 -1.86
C ASP D 232 19.08 27.00 -1.42
N MET D 233 19.87 26.58 -2.41
CA MET D 233 21.04 25.71 -2.19
C MET D 233 21.85 25.77 -3.51
N PRO D 234 23.11 25.29 -3.53
CA PRO D 234 23.89 25.41 -4.79
C PRO D 234 23.20 24.75 -6.03
N PRO D 235 23.37 25.36 -7.24
CA PRO D 235 22.72 24.84 -8.47
C PRO D 235 22.97 23.35 -8.70
N ALA D 236 24.21 22.90 -8.43
CA ALA D 236 24.56 21.49 -8.60
C ALA D 236 23.70 20.60 -7.71
N VAL D 237 23.44 21.06 -6.48
CA VAL D 237 22.59 20.32 -5.54
C VAL D 237 21.12 20.31 -5.99
N TRP D 238 20.62 21.48 -6.41
CA TRP D 238 19.25 21.61 -6.87
C TRP D 238 19.00 20.74 -8.14
N GLU D 239 19.92 20.83 -9.11
CA GLU D 239 19.87 20.09 -10.37
C GLU D 239 20.08 18.57 -10.09
N GLY D 240 20.93 18.27 -9.11
CA GLY D 240 21.13 16.90 -8.58
C GLY D 240 19.81 16.33 -8.09
N HIS D 241 19.09 17.09 -7.25
N HIS D 241 19.11 17.09 -7.23
CA HIS D 241 17.85 16.64 -6.63
CA HIS D 241 17.84 16.67 -6.64
C HIS D 241 16.65 16.50 -7.63
C HIS D 241 16.79 16.42 -7.75
N ARG D 242 16.52 17.41 -8.59
CA ARG D 242 15.53 17.28 -9.68
C ARG D 242 15.80 16.12 -10.64
N SER D 243 17.08 15.87 -10.92
CA SER D 243 17.44 14.93 -11.92
C SER D 243 17.06 13.49 -11.50
N LYS D 244 16.75 13.31 -10.21
CA LYS D 244 16.36 12.00 -9.73
C LYS D 244 14.92 11.62 -10.15
N VAL D 245 14.11 12.58 -10.59
CA VAL D 245 12.76 12.28 -10.99
C VAL D 245 12.88 11.56 -12.33
N PRO D 246 12.31 10.33 -12.45
CA PRO D 246 12.51 9.58 -13.70
C PRO D 246 11.92 10.26 -14.92
N LEU D 247 10.77 10.89 -14.76
CA LEU D 247 10.07 11.51 -15.90
C LEU D 247 10.46 13.01 -16.02
N TYR D 248 11.13 13.32 -17.14
CA TYR D 248 11.60 14.67 -17.43
C TYR D 248 12.84 15.06 -16.64
N GLN D 249 13.22 14.30 -15.61
CA GLN D 249 14.38 14.68 -14.78
C GLN D 249 14.18 16.10 -14.23
N ARG D 250 12.95 16.43 -13.85
CA ARG D 250 12.70 17.70 -13.14
C ARG D 250 11.55 17.58 -12.15
N ASP D 251 11.52 18.56 -11.28
CA ASP D 251 10.40 18.86 -10.40
C ASP D 251 9.25 19.40 -11.22
N SER D 252 8.04 19.28 -10.70
CA SER D 252 6.89 19.67 -11.50
C SER D 252 6.71 21.18 -11.50
N SER D 253 5.93 21.66 -12.45
CA SER D 253 5.34 22.99 -12.34
C SER D 253 4.18 22.95 -11.30
N ALA D 254 3.76 24.13 -10.81
CA ALA D 254 2.59 24.16 -9.91
C ALA D 254 1.31 23.72 -10.64
N ALA D 255 1.14 24.07 -11.92
CA ALA D 255 -0.08 23.69 -12.64
C ALA D 255 -0.17 22.17 -12.83
N GLU D 256 0.99 21.53 -13.04
CA GLU D 256 1.02 20.07 -13.15
C GLU D 256 0.44 19.32 -11.92
N VAL D 257 0.40 19.98 -10.77
CA VAL D 257 -0.26 19.44 -9.59
C VAL D 257 -1.71 19.96 -9.55
N SER D 258 -1.90 21.28 -9.67
CA SER D 258 -3.17 21.92 -9.48
C SER D 258 -4.19 21.46 -10.48
N ASP D 259 -3.82 21.25 -11.75
CA ASP D 259 -4.78 20.71 -12.72
C ASP D 259 -5.37 19.38 -12.23
N VAL D 260 -4.61 18.61 -11.46
CA VAL D 260 -5.06 17.29 -11.01
C VAL D 260 -6.14 17.49 -9.94
N VAL D 261 -5.90 18.47 -9.08
CA VAL D 261 -6.84 18.89 -8.03
C VAL D 261 -8.19 19.37 -8.65
N ILE D 262 -8.10 20.21 -9.70
CA ILE D 262 -9.27 20.74 -10.38
C ILE D 262 -10.01 19.58 -11.06
N PHE D 263 -9.28 18.66 -11.73
CA PHE D 263 -9.94 17.48 -12.20
C PHE D 263 -10.66 16.67 -11.12
N LEU D 264 -10.04 16.37 -9.99
CA LEU D 264 -10.78 15.68 -8.89
C LEU D 264 -12.03 16.44 -8.32
N CYS D 265 -12.00 17.79 -8.40
CA CYS D 265 -13.15 18.55 -7.95
C CYS D 265 -14.30 18.58 -8.97
N SER D 266 -14.00 18.22 -10.23
CA SER D 266 -14.97 18.36 -11.34
C SER D 266 -16.02 17.25 -11.28
N SER D 267 -17.21 17.51 -11.85
CA SER D 267 -18.23 16.45 -11.95
C SER D 267 -17.83 15.19 -12.74
N LYS D 268 -16.88 15.30 -13.61
CA LYS D 268 -16.36 14.13 -14.25
C LYS D 268 -15.68 13.13 -13.24
N ALA D 269 -15.23 13.63 -12.11
CA ALA D 269 -14.65 12.76 -11.07
C ALA D 269 -15.65 12.32 -9.99
N LYS D 270 -16.96 12.37 -10.24
CA LYS D 270 -17.92 12.18 -9.15
C LYS D 270 -18.07 10.75 -8.56
N TYR D 271 -17.38 9.75 -9.11
CA TYR D 271 -17.41 8.42 -8.58
C TYR D 271 -16.10 8.08 -7.84
N ILE D 272 -15.16 9.05 -7.80
CA ILE D 272 -13.89 8.91 -7.06
C ILE D 272 -13.99 9.45 -5.64
N THR D 273 -13.75 8.63 -4.63
CA THR D 273 -13.65 9.08 -3.25
C THR D 273 -12.74 8.16 -2.42
N GLY D 274 -12.00 8.67 -1.46
CA GLY D 274 -11.12 7.83 -0.68
C GLY D 274 -9.84 7.39 -1.36
N THR D 275 -9.47 7.98 -2.49
CA THR D 275 -8.26 7.58 -3.18
C THR D 275 -7.25 8.71 -3.12
N VAL D 277 -4.13 10.39 -5.50
CA VAL D 277 -3.48 10.38 -6.84
C VAL D 277 -2.07 10.91 -6.69
N LYS D 278 -1.06 10.10 -6.97
CA LYS D 278 0.33 10.56 -6.93
C LYS D 278 0.64 11.44 -8.14
N VAL D 279 1.25 12.60 -7.89
CA VAL D 279 1.70 13.46 -9.01
C VAL D 279 3.21 13.69 -8.88
N ASP D 280 4.01 12.73 -9.32
CA ASP D 280 5.38 12.67 -8.87
C ASP D 280 6.38 12.26 -9.96
N GLY D 281 5.93 12.16 -11.22
CA GLY D 281 6.81 11.82 -12.34
C GLY D 281 7.60 10.55 -12.08
N GLY D 282 6.99 9.64 -11.31
CA GLY D 282 7.54 8.35 -11.04
C GLY D 282 8.64 8.37 -9.99
N TYR D 283 8.73 9.46 -9.21
CA TYR D 283 9.77 9.53 -8.19
C TYR D 283 9.63 8.41 -7.14
N SER D 284 8.40 8.04 -6.79
CA SER D 284 8.22 6.97 -5.78
C SER D 284 8.61 5.59 -6.27
N LEU D 285 8.83 5.40 -7.55
CA LEU D 285 9.29 4.10 -8.05
C LEU D 285 10.79 3.89 -7.86
N THR D 286 11.47 4.91 -7.33
CA THR D 286 12.92 4.86 -7.20
C THR D 286 13.36 4.25 -5.90
N ARG D 287 14.64 3.90 -5.89
CA ARG D 287 15.32 3.32 -4.73
C ARG D 287 16.72 3.92 -4.70
N ALA D 288 17.33 3.99 -3.50
CA ALA D 288 18.72 4.49 -3.33
C ALA D 288 19.75 3.66 -4.10
#